data_4RAN
#
_entry.id   4RAN
#
_cell.length_a   66.090
_cell.length_b   95.367
_cell.length_c   139.742
_cell.angle_alpha   90.00
_cell.angle_beta   90.00
_cell.angle_gamma   90.00
#
_symmetry.space_group_name_H-M   'P 21 21 21'
#
loop_
_entity.id
_entity.type
_entity.pdbx_description
1 polymer 'Hypoxanthine-guanine phosphoribosyltransferase'
2 non-polymer '(2-{[2-(2-amino-6-oxo-1,6-dihydro-9H-purin-9-yl)ethyl](3-aminopropyl)amino}ethyl)phosphonic acid'
3 non-polymer 'MAGNESIUM ION'
4 water water
#
_entity_poly.entity_id   1
_entity_poly.type   'polypeptide(L)'
_entity_poly.pdbx_seq_one_letter_code
;ATRSPGVVISDDEPGYDLDLFCIPNHYAEDLERVFIPHGLIMDRTERLARDVMKEMGGHHIVALCVLKGGYKFFADLLDY
IKALNRNSDRSIPMTVDFIRLKSYCNDQSTGDIKVIGGDDLSTLTGKNVLIVEDIIDTGKTMQTLLSLVRQYNPKMVKVA
SLLVKRTPRSVGYKPDFVGFEIPDKFVVGYALDYNEYFRDLNHVCVISETGKAKYKA
;
_entity_poly.pdbx_strand_id   A,B,C,D
#
# COMPACT_ATOMS: atom_id res chain seq x y z
N ARG A 3 -26.15 7.67 -12.09
CA ARG A 3 -26.70 6.32 -12.04
C ARG A 3 -26.43 5.65 -10.69
N SER A 4 -25.15 5.50 -10.37
CA SER A 4 -24.76 4.84 -9.12
C SER A 4 -24.87 5.78 -7.93
N PRO A 5 -25.56 5.35 -6.87
CA PRO A 5 -25.66 6.12 -5.63
C PRO A 5 -24.48 5.84 -4.71
N GLY A 6 -23.57 4.99 -5.17
CA GLY A 6 -22.42 4.58 -4.39
C GLY A 6 -22.80 3.51 -3.38
N VAL A 7 -21.87 3.15 -2.52
CA VAL A 7 -22.13 2.16 -1.49
C VAL A 7 -23.14 2.72 -0.48
N VAL A 8 -24.29 2.08 -0.41
CA VAL A 8 -25.36 2.52 0.49
C VAL A 8 -25.18 1.96 1.89
N ILE A 9 -24.95 2.86 2.84
CA ILE A 9 -24.86 2.47 4.24
C ILE A 9 -26.22 2.68 4.91
N SER A 10 -26.77 1.60 5.43
CA SER A 10 -28.11 1.61 6.02
C SER A 10 -28.17 2.47 7.28
N ASP A 11 -29.39 2.87 7.63
CA ASP A 11 -29.60 3.75 8.77
C ASP A 11 -29.33 3.04 10.10
N ASP A 12 -29.50 1.72 10.11
CA ASP A 12 -29.30 0.93 11.32
C ASP A 12 -27.91 0.32 11.36
N GLU A 13 -27.02 0.78 10.48
CA GLU A 13 -25.64 0.32 10.47
C GLU A 13 -24.99 0.52 11.83
N PRO A 14 -24.61 -0.58 12.48
CA PRO A 14 -24.03 -0.51 13.83
C PRO A 14 -22.59 -0.01 13.79
N GLY A 15 -21.91 -0.17 12.66
CA GLY A 15 -20.49 0.11 12.58
C GLY A 15 -19.71 -0.99 13.27
N TYR A 16 -18.43 -0.77 13.51
CA TYR A 16 -17.59 -1.79 14.12
C TYR A 16 -17.08 -1.40 15.49
N ASP A 17 -16.93 -2.39 16.35
CA ASP A 17 -16.28 -2.19 17.65
C ASP A 17 -14.84 -1.76 17.41
N LEU A 18 -14.37 -0.80 18.20
CA LEU A 18 -13.02 -0.27 18.05
C LEU A 18 -11.95 -1.34 18.29
N ASP A 19 -12.22 -2.25 19.23
CA ASP A 19 -11.27 -3.28 19.63
C ASP A 19 -10.82 -4.18 18.48
N LEU A 20 -11.58 -4.19 17.40
CA LEU A 20 -11.31 -5.05 16.26
C LEU A 20 -10.30 -4.45 15.29
N PHE A 21 -10.02 -3.15 15.46
CA PHE A 21 -9.11 -2.45 14.55
C PHE A 21 -8.00 -1.72 15.30
N CYS A 22 -6.99 -1.27 14.55
CA CYS A 22 -5.91 -0.48 15.12
C CYS A 22 -6.29 0.99 15.16
N ILE A 23 -6.44 1.52 16.36
CA ILE A 23 -6.90 2.89 16.57
C ILE A 23 -5.84 3.71 17.29
N PRO A 24 -5.61 4.96 16.85
CA PRO A 24 -4.71 5.90 17.54
C PRO A 24 -5.04 6.00 19.02
N ASN A 25 -4.02 5.92 19.88
CA ASN A 25 -4.22 5.88 21.32
C ASN A 25 -4.91 7.12 21.89
N HIS A 26 -4.55 8.29 21.37
CA HIS A 26 -5.10 9.55 21.87
C HIS A 26 -6.57 9.76 21.51
N TYR A 27 -7.13 8.83 20.75
CA TYR A 27 -8.54 8.89 20.37
C TYR A 27 -9.32 7.69 20.90
N ALA A 28 -8.67 6.88 21.73
CA ALA A 28 -9.25 5.63 22.23
C ALA A 28 -10.63 5.78 22.86
N GLU A 29 -10.79 6.82 23.68
CA GLU A 29 -12.06 7.05 24.37
C GLU A 29 -12.89 8.11 23.67
N ASP A 30 -12.36 8.66 22.58
CA ASP A 30 -13.00 9.77 21.88
C ASP A 30 -13.90 9.29 20.75
N LEU A 31 -13.78 8.02 20.38
CA LEU A 31 -14.57 7.45 19.30
C LEU A 31 -15.57 6.43 19.83
N GLU A 32 -16.64 6.22 19.08
CA GLU A 32 -17.69 5.29 19.49
C GLU A 32 -17.61 3.99 18.70
N ARG A 33 -17.64 4.10 17.38
CA ARG A 33 -17.53 2.95 16.50
C ARG A 33 -16.70 3.30 15.28
N VAL A 34 -16.10 2.30 14.65
CA VAL A 34 -15.54 2.49 13.31
C VAL A 34 -16.71 2.39 12.34
N PHE A 35 -16.88 3.41 11.50
CA PHE A 35 -18.06 3.51 10.65
C PHE A 35 -17.76 3.01 9.24
N ILE A 36 -16.72 3.56 8.62
CA ILE A 36 -16.25 3.08 7.34
C ILE A 36 -14.74 2.82 7.42
N PRO A 37 -14.35 1.55 7.47
CA PRO A 37 -12.94 1.14 7.60
C PRO A 37 -12.10 1.67 6.45
N HIS A 38 -10.88 2.10 6.75
CA HIS A 38 -9.98 2.69 5.77
C HIS A 38 -9.85 1.87 4.49
N GLY A 39 -9.73 0.55 4.66
CA GLY A 39 -9.55 -0.34 3.54
C GLY A 39 -10.76 -0.37 2.61
N LEU A 40 -11.95 -0.25 3.20
CA LEU A 40 -13.17 -0.19 2.41
C LEU A 40 -13.16 1.06 1.52
N ILE A 41 -12.70 2.17 2.08
CA ILE A 41 -12.60 3.43 1.36
C ILE A 41 -11.69 3.28 0.15
N MET A 42 -10.56 2.60 0.34
CA MET A 42 -9.61 2.37 -0.75
C MET A 42 -10.21 1.52 -1.87
N ASP A 43 -10.91 0.47 -1.49
CA ASP A 43 -11.55 -0.43 -2.45
C ASP A 43 -12.57 0.33 -3.30
N ARG A 44 -13.45 1.07 -2.62
CA ARG A 44 -14.45 1.86 -3.31
C ARG A 44 -13.81 2.92 -4.19
N THR A 45 -12.77 3.57 -3.67
CA THR A 45 -12.04 4.61 -4.41
C THR A 45 -11.39 4.03 -5.67
N GLU A 46 -10.97 2.78 -5.60
CA GLU A 46 -10.36 2.14 -6.77
C GLU A 46 -11.34 2.05 -7.93
N ARG A 47 -12.58 1.65 -7.63
CA ARG A 47 -13.62 1.59 -8.65
C ARG A 47 -13.95 3.00 -9.15
N LEU A 48 -14.02 3.94 -8.22
CA LEU A 48 -14.32 5.33 -8.55
C LEU A 48 -13.31 5.90 -9.55
N ALA A 49 -12.04 5.54 -9.38
CA ALA A 49 -11.00 5.99 -10.30
C ALA A 49 -11.25 5.47 -11.71
N ARG A 50 -11.73 4.23 -11.79
CA ARG A 50 -12.04 3.62 -13.08
C ARG A 50 -13.23 4.33 -13.74
N ASP A 51 -14.22 4.68 -12.92
CA ASP A 51 -15.39 5.40 -13.40
C ASP A 51 -15.02 6.78 -13.95
N VAL A 52 -14.16 7.49 -13.21
CA VAL A 52 -13.69 8.81 -13.63
C VAL A 52 -12.95 8.73 -14.95
N MET A 53 -12.10 7.71 -15.09
CA MET A 53 -11.30 7.53 -16.29
C MET A 53 -12.17 7.17 -17.50
N LYS A 54 -13.29 6.51 -17.24
CA LYS A 54 -14.24 6.16 -18.29
C LYS A 54 -14.95 7.40 -18.85
N GLU A 55 -15.26 8.34 -17.96
CA GLU A 55 -16.08 9.48 -18.30
C GLU A 55 -15.26 10.74 -18.65
N MET A 56 -14.03 10.82 -18.15
CA MET A 56 -13.23 12.03 -18.32
C MET A 56 -11.86 11.76 -18.95
N GLY A 57 -11.59 10.50 -19.27
CA GLY A 57 -10.30 10.11 -19.82
C GLY A 57 -10.12 10.44 -21.30
N GLY A 58 -10.84 11.46 -21.76
CA GLY A 58 -10.77 11.85 -23.15
C GLY A 58 -9.94 13.11 -23.37
N HIS A 59 -9.94 14.00 -22.39
CA HIS A 59 -9.19 15.24 -22.50
C HIS A 59 -8.39 15.52 -21.22
N HIS A 60 -7.46 16.48 -21.32
CA HIS A 60 -6.68 16.95 -20.17
C HIS A 60 -7.60 17.31 -19.01
N ILE A 61 -7.33 16.80 -17.83
CA ILE A 61 -8.16 17.10 -16.66
C ILE A 61 -7.43 17.90 -15.59
N VAL A 62 -8.19 18.76 -14.90
CA VAL A 62 -7.68 19.48 -13.75
C VAL A 62 -8.37 18.97 -12.49
N ALA A 63 -7.60 18.34 -11.61
CA ALA A 63 -8.15 17.83 -10.35
C ALA A 63 -8.12 18.92 -9.29
N LEU A 64 -9.30 19.32 -8.83
CA LEU A 64 -9.42 20.40 -7.86
C LEU A 64 -9.76 19.83 -6.48
N CYS A 65 -8.85 20.06 -5.54
CA CYS A 65 -9.04 19.55 -4.18
C CYS A 65 -9.71 20.59 -3.29
N VAL A 66 -10.78 20.18 -2.62
CA VAL A 66 -11.46 21.05 -1.66
C VAL A 66 -10.91 20.83 -0.27
N LEU A 67 -9.96 21.68 0.13
CA LEU A 67 -9.32 21.58 1.43
C LEU A 67 -10.30 21.96 2.54
N LYS A 68 -10.12 21.44 3.75
CA LYS A 68 -9.05 20.50 4.08
C LYS A 68 -9.51 19.05 3.98
N GLY A 69 -10.81 18.84 4.22
CA GLY A 69 -11.35 17.50 4.38
C GLY A 69 -11.17 16.54 3.21
N GLY A 70 -11.00 17.10 2.02
CA GLY A 70 -10.90 16.27 0.83
C GLY A 70 -9.49 15.80 0.50
N TYR A 71 -8.50 16.25 1.26
CA TYR A 71 -7.10 16.01 0.91
C TYR A 71 -6.71 14.53 0.84
N LYS A 72 -7.16 13.73 1.80
CA LYS A 72 -6.90 12.30 1.78
C LYS A 72 -7.55 11.62 0.57
N PHE A 73 -8.84 11.89 0.36
CA PHE A 73 -9.58 11.31 -0.75
C PHE A 73 -8.99 11.77 -2.09
N PHE A 74 -8.57 13.02 -2.15
CA PHE A 74 -7.92 13.59 -3.33
C PHE A 74 -6.65 12.82 -3.66
N ALA A 75 -5.80 12.63 -2.65
CA ALA A 75 -4.54 11.94 -2.81
C ALA A 75 -4.73 10.50 -3.30
N ASP A 76 -5.59 9.75 -2.62
CA ASP A 76 -5.81 8.35 -2.96
C ASP A 76 -6.46 8.17 -4.32
N LEU A 77 -7.46 9.00 -4.62
CA LEU A 77 -8.15 8.93 -5.90
C LEU A 77 -7.17 9.23 -7.04
N LEU A 78 -6.30 10.21 -6.84
CA LEU A 78 -5.30 10.54 -7.84
C LEU A 78 -4.29 9.41 -8.00
N ASP A 79 -3.87 8.82 -6.88
CA ASP A 79 -2.96 7.69 -6.91
C ASP A 79 -3.54 6.52 -7.70
N TYR A 80 -4.83 6.27 -7.53
CA TYR A 80 -5.51 5.20 -8.25
C TYR A 80 -5.65 5.51 -9.74
N ILE A 81 -5.89 6.78 -10.07
CA ILE A 81 -5.94 7.22 -11.45
C ILE A 81 -4.55 7.11 -12.11
N LYS A 82 -3.53 7.57 -11.39
CA LYS A 82 -2.15 7.48 -11.87
C LYS A 82 -1.73 6.03 -12.11
N ALA A 83 -2.25 5.12 -11.30
CA ALA A 83 -1.96 3.71 -11.46
C ALA A 83 -2.52 3.19 -12.78
N LEU A 84 -3.67 3.73 -13.16
CA LEU A 84 -4.28 3.39 -14.45
C LEU A 84 -3.47 3.97 -15.60
N ASN A 85 -3.11 5.23 -15.47
CA ASN A 85 -2.38 5.94 -16.52
C ASN A 85 -1.06 5.30 -16.92
N ARG A 86 -0.34 4.74 -15.94
CA ARG A 86 0.97 4.16 -16.20
C ARG A 86 0.94 2.67 -16.49
N ASN A 87 -0.25 2.08 -16.47
CA ASN A 87 -0.39 0.66 -16.75
C ASN A 87 -1.41 0.37 -17.86
N SER A 88 -1.71 1.39 -18.65
CA SER A 88 -2.65 1.24 -19.76
C SER A 88 -2.13 1.89 -21.04
N ASP A 89 -2.76 1.53 -22.16
CA ASP A 89 -2.31 1.98 -23.48
C ASP A 89 -2.47 3.48 -23.66
N ARG A 90 -3.69 3.98 -23.48
CA ARG A 90 -3.96 5.40 -23.57
C ARG A 90 -4.23 5.98 -22.18
N SER A 91 -3.75 7.19 -21.93
CA SER A 91 -3.92 7.82 -20.63
C SER A 91 -4.18 9.31 -20.77
N ILE A 92 -4.57 9.94 -19.67
CA ILE A 92 -4.83 11.37 -19.67
C ILE A 92 -3.99 12.14 -18.65
N PRO A 93 -3.27 13.16 -19.11
CA PRO A 93 -2.46 14.06 -18.28
C PRO A 93 -3.32 14.84 -17.30
N MET A 94 -2.87 14.93 -16.05
CA MET A 94 -3.62 15.64 -15.03
C MET A 94 -2.85 16.84 -14.49
N THR A 95 -3.59 17.79 -13.94
CA THR A 95 -3.03 18.98 -13.34
C THR A 95 -3.79 19.21 -12.05
N VAL A 96 -3.12 19.71 -11.02
CA VAL A 96 -3.77 19.82 -9.71
C VAL A 96 -3.85 21.25 -9.16
N ASP A 97 -5.03 21.59 -8.63
CA ASP A 97 -5.27 22.87 -7.98
C ASP A 97 -5.87 22.63 -6.61
N PHE A 98 -5.84 23.65 -5.77
CA PHE A 98 -6.37 23.52 -4.41
C PHE A 98 -7.26 24.71 -4.05
N ILE A 99 -8.34 24.43 -3.32
CA ILE A 99 -9.26 25.48 -2.89
C ILE A 99 -9.88 25.18 -1.53
N ARG A 100 -9.94 26.19 -0.68
CA ARG A 100 -10.61 26.09 0.61
C ARG A 100 -11.80 27.04 0.63
N LEU A 101 -12.89 26.62 1.26
CA LEU A 101 -14.11 27.42 1.25
C LEU A 101 -14.51 27.97 2.63
N LYS A 102 -15.07 29.17 2.63
CA LYS A 102 -15.48 29.85 3.85
C LYS A 102 -16.46 29.03 4.68
N VAL A 115 -14.50 31.35 0.62
CA VAL A 115 -13.39 31.09 -0.29
C VAL A 115 -12.09 31.67 0.24
N ILE A 116 -11.07 30.82 0.34
CA ILE A 116 -9.75 31.25 0.83
C ILE A 116 -8.67 30.88 -0.19
N GLY A 117 -8.93 29.84 -0.98
CA GLY A 117 -7.99 29.39 -1.99
C GLY A 117 -7.92 30.31 -3.19
N GLY A 118 -7.31 29.84 -4.27
CA GLY A 118 -7.18 30.64 -5.47
C GLY A 118 -8.46 30.65 -6.29
N ASP A 119 -8.33 30.71 -7.62
CA ASP A 119 -7.04 30.77 -8.29
C ASP A 119 -7.16 31.56 -9.60
N SER A 122 -9.54 30.75 -12.59
CA SER A 122 -9.45 31.21 -13.96
C SER A 122 -8.58 30.30 -14.81
N THR A 123 -7.97 29.31 -14.15
CA THR A 123 -7.11 28.34 -14.83
C THR A 123 -7.95 27.17 -15.32
N LEU A 124 -9.21 27.15 -14.93
CA LEU A 124 -10.10 26.02 -15.20
C LEU A 124 -10.76 26.13 -16.57
N THR A 125 -10.56 27.26 -17.23
CA THR A 125 -11.21 27.54 -18.52
C THR A 125 -10.79 26.55 -19.62
N GLY A 126 -11.78 25.93 -20.24
CA GLY A 126 -11.53 25.03 -21.36
C GLY A 126 -11.03 23.65 -20.97
N LYS A 127 -10.93 23.39 -19.68
CA LYS A 127 -10.38 22.12 -19.20
C LYS A 127 -11.46 21.23 -18.62
N ASN A 128 -11.21 19.92 -18.62
CA ASN A 128 -12.05 18.99 -17.88
C ASN A 128 -11.75 19.13 -16.40
N VAL A 129 -12.73 19.57 -15.63
CA VAL A 129 -12.52 19.81 -14.21
C VAL A 129 -13.16 18.75 -13.32
N LEU A 130 -12.36 18.17 -12.45
CA LEU A 130 -12.83 17.19 -11.48
C LEU A 130 -12.67 17.76 -10.09
N ILE A 131 -13.78 18.16 -9.48
CA ILE A 131 -13.78 18.64 -8.10
C ILE A 131 -13.84 17.44 -7.16
N VAL A 132 -12.99 17.46 -6.13
CA VAL A 132 -12.92 16.35 -5.18
C VAL A 132 -13.23 16.83 -3.77
N GLU A 133 -14.35 16.38 -3.23
CA GLU A 133 -14.86 16.83 -1.94
C GLU A 133 -14.98 15.67 -0.97
N ASP A 134 -14.93 15.95 0.33
CA ASP A 134 -15.08 14.90 1.34
C ASP A 134 -16.52 14.49 1.57
N ILE A 135 -17.42 15.47 1.70
CA ILE A 135 -18.82 15.14 2.00
C ILE A 135 -19.83 16.22 1.58
N ILE A 136 -20.89 15.78 0.88
CA ILE A 136 -22.04 16.62 0.58
C ILE A 136 -23.08 16.43 1.66
N ASP A 137 -23.54 17.52 2.27
CA ASP A 137 -24.61 17.45 3.26
C ASP A 137 -25.85 18.21 2.80
N THR A 138 -25.88 19.52 3.02
CA THR A 138 -27.00 20.33 2.56
C THR A 138 -26.91 20.61 1.06
N GLY A 139 -25.69 20.60 0.53
CA GLY A 139 -25.45 20.84 -0.88
C GLY A 139 -25.01 22.26 -1.18
N LYS A 140 -25.11 23.13 -0.18
CA LYS A 140 -24.79 24.55 -0.37
C LYS A 140 -23.34 24.79 -0.79
N THR A 141 -22.40 24.15 -0.08
CA THR A 141 -20.98 24.30 -0.37
C THR A 141 -20.66 24.00 -1.82
N MET A 142 -21.21 22.91 -2.33
CA MET A 142 -20.95 22.50 -3.71
C MET A 142 -21.65 23.41 -4.72
N GLN A 143 -22.89 23.80 -4.42
CA GLN A 143 -23.62 24.73 -5.27
C GLN A 143 -22.86 26.03 -5.44
N THR A 144 -22.36 26.56 -4.33
CA THR A 144 -21.56 27.78 -4.34
C THR A 144 -20.31 27.59 -5.18
N LEU A 145 -19.60 26.49 -4.93
CA LEU A 145 -18.36 26.20 -5.64
C LEU A 145 -18.58 26.01 -7.14
N LEU A 146 -19.67 25.31 -7.49
CA LEU A 146 -19.99 25.07 -8.89
C LEU A 146 -20.33 26.36 -9.64
N SER A 147 -20.98 27.29 -8.96
CA SER A 147 -21.28 28.59 -9.55
C SER A 147 -19.99 29.34 -9.83
N LEU A 148 -19.05 29.27 -8.88
CA LEU A 148 -17.77 29.95 -9.00
C LEU A 148 -16.91 29.35 -10.10
N VAL A 149 -17.02 28.04 -10.31
CA VAL A 149 -16.25 27.36 -11.34
C VAL A 149 -16.83 27.60 -12.72
N ARG A 150 -18.16 27.52 -12.83
CA ARG A 150 -18.84 27.76 -14.09
C ARG A 150 -18.74 29.22 -14.54
N GLN A 151 -18.28 30.07 -13.63
CA GLN A 151 -18.04 31.48 -13.93
C GLN A 151 -16.97 31.62 -15.01
N TYR A 152 -16.08 30.63 -15.09
CA TYR A 152 -14.91 30.71 -15.96
C TYR A 152 -14.93 29.72 -17.13
N ASN A 153 -16.12 29.22 -17.46
CA ASN A 153 -16.33 28.37 -18.64
C ASN A 153 -15.35 27.21 -18.86
N PRO A 154 -15.42 26.19 -18.00
CA PRO A 154 -14.62 24.99 -18.27
C PRO A 154 -15.31 24.10 -19.29
N LYS A 155 -14.54 23.26 -19.97
CA LYS A 155 -15.09 22.34 -20.96
C LYS A 155 -16.07 21.39 -20.31
N MET A 156 -15.79 21.04 -19.05
CA MET A 156 -16.61 20.08 -18.31
C MET A 156 -16.31 20.19 -16.81
N VAL A 157 -17.36 20.13 -15.99
CA VAL A 157 -17.18 20.06 -14.55
C VAL A 157 -17.79 18.80 -13.99
N LYS A 158 -17.00 18.05 -13.22
CA LYS A 158 -17.50 16.86 -12.56
C LYS A 158 -17.15 16.89 -11.09
N VAL A 159 -18.01 16.31 -10.26
CA VAL A 159 -17.77 16.28 -8.83
C VAL A 159 -17.73 14.86 -8.29
N ALA A 160 -16.64 14.54 -7.59
CA ALA A 160 -16.54 13.29 -6.86
C ALA A 160 -16.51 13.60 -5.38
N SER A 161 -17.46 13.04 -4.63
CA SER A 161 -17.49 13.21 -3.20
C SER A 161 -17.41 11.83 -2.54
N LEU A 162 -16.55 11.71 -1.53
CA LEU A 162 -16.40 10.45 -0.82
C LEU A 162 -17.72 10.05 -0.15
N LEU A 163 -18.34 11.04 0.49
CA LEU A 163 -19.57 10.79 1.24
C LEU A 163 -20.71 11.68 0.76
N VAL A 164 -21.91 11.12 0.73
CA VAL A 164 -23.13 11.89 0.50
C VAL A 164 -24.11 11.54 1.61
N LYS A 165 -24.56 12.55 2.33
CA LYS A 165 -25.48 12.31 3.44
C LYS A 165 -26.93 12.26 2.99
N ARG A 166 -27.68 11.34 3.57
CA ARG A 166 -29.13 11.34 3.42
C ARG A 166 -29.74 12.22 4.49
N THR A 167 -30.25 13.37 4.08
CA THR A 167 -30.83 14.33 5.01
C THR A 167 -31.94 15.11 4.33
N PRO A 168 -33.01 15.41 5.07
CA PRO A 168 -34.10 16.24 4.54
C PRO A 168 -33.65 17.68 4.28
N ARG A 169 -32.56 18.10 4.89
CA ARG A 169 -32.04 19.46 4.72
C ARG A 169 -31.40 19.64 3.34
N SER A 170 -31.21 18.54 2.63
CA SER A 170 -30.56 18.57 1.32
C SER A 170 -31.32 19.44 0.32
N VAL A 171 -30.60 20.35 -0.33
CA VAL A 171 -31.18 21.17 -1.39
C VAL A 171 -31.51 20.26 -2.58
N GLY A 172 -30.72 19.21 -2.75
CA GLY A 172 -30.98 18.23 -3.78
C GLY A 172 -29.85 18.00 -4.74
N TYR A 173 -28.64 18.45 -4.40
CA TYR A 173 -27.50 18.22 -5.26
C TYR A 173 -26.97 16.80 -5.14
N LYS A 174 -26.66 16.20 -6.28
CA LYS A 174 -26.01 14.89 -6.31
C LYS A 174 -24.78 14.96 -7.20
N PRO A 175 -23.62 14.57 -6.67
CA PRO A 175 -22.37 14.59 -7.43
C PRO A 175 -22.33 13.47 -8.46
N ASP A 176 -21.42 13.59 -9.42
CA ASP A 176 -21.30 12.59 -10.48
C ASP A 176 -20.64 11.29 -9.98
N PHE A 177 -19.85 11.40 -8.92
CA PHE A 177 -19.20 10.22 -8.35
C PHE A 177 -19.35 10.21 -6.83
N VAL A 178 -19.83 9.09 -6.30
CA VAL A 178 -20.04 8.94 -4.86
C VAL A 178 -19.37 7.66 -4.36
N GLY A 179 -18.65 7.78 -3.25
CA GLY A 179 -18.08 6.62 -2.61
C GLY A 179 -19.11 5.91 -1.75
N PHE A 180 -19.66 6.65 -0.79
CA PHE A 180 -20.58 6.08 0.19
C PHE A 180 -21.74 7.03 0.47
N GLU A 181 -22.95 6.50 0.46
CA GLU A 181 -24.13 7.27 0.88
C GLU A 181 -24.48 6.85 2.30
N ILE A 182 -24.46 7.81 3.21
CA ILE A 182 -24.55 7.50 4.64
C ILE A 182 -25.74 8.17 5.32
N PRO A 183 -26.14 7.67 6.50
CA PRO A 183 -27.23 8.31 7.24
C PRO A 183 -26.78 9.65 7.83
N ASP A 184 -27.71 10.38 8.43
CA ASP A 184 -27.38 11.67 9.02
C ASP A 184 -26.72 11.49 10.38
N LYS A 185 -25.47 11.03 10.37
CA LYS A 185 -24.67 10.91 11.58
C LYS A 185 -23.35 11.64 11.39
N PHE A 186 -22.87 12.32 12.43
CA PHE A 186 -21.64 13.09 12.30
C PHE A 186 -20.39 12.20 12.32
N VAL A 187 -19.72 12.11 11.18
CA VAL A 187 -18.55 11.25 11.04
C VAL A 187 -17.26 12.05 11.01
N VAL A 188 -16.16 11.41 11.41
CA VAL A 188 -14.83 12.02 11.38
C VAL A 188 -13.81 11.03 10.84
N GLY A 189 -12.58 11.48 10.67
CA GLY A 189 -11.51 10.60 10.20
C GLY A 189 -11.37 10.67 8.68
N TYR A 190 -10.29 10.08 8.18
CA TYR A 190 -9.94 10.17 6.77
C TYR A 190 -9.99 11.63 6.30
N ALA A 191 -9.33 12.49 7.09
CA ALA A 191 -9.26 13.94 6.88
C ALA A 191 -10.50 14.73 7.34
N LEU A 192 -11.63 14.06 7.47
CA LEU A 192 -12.82 14.72 8.03
C LEU A 192 -12.57 15.02 9.51
N ASP A 193 -13.10 16.14 9.99
CA ASP A 193 -12.72 16.63 11.30
C ASP A 193 -13.87 16.98 12.24
N TYR A 194 -13.52 17.22 13.50
CA TYR A 194 -14.40 17.81 14.47
C TYR A 194 -13.61 18.87 15.22
N ASN A 195 -13.84 20.13 14.87
CA ASN A 195 -13.04 21.24 15.39
C ASN A 195 -11.54 21.00 15.18
N GLU A 196 -11.19 20.66 13.95
CA GLU A 196 -9.81 20.44 13.50
C GLU A 196 -9.17 19.13 13.96
N TYR A 197 -9.83 18.39 14.85
CA TYR A 197 -9.29 17.11 15.31
C TYR A 197 -9.81 15.93 14.48
N PHE A 198 -9.19 14.76 14.69
CA PHE A 198 -9.57 13.51 14.02
C PHE A 198 -9.18 13.42 12.55
N ARG A 199 -8.51 14.45 12.03
CA ARG A 199 -7.99 14.38 10.66
C ARG A 199 -6.89 13.33 10.58
N ASP A 200 -6.15 13.17 11.68
CA ASP A 200 -5.10 12.17 11.77
C ASP A 200 -5.67 10.79 12.12
N LEU A 201 -6.64 10.34 11.34
CA LEU A 201 -7.31 9.07 11.54
C LEU A 201 -7.67 8.48 10.17
N ASN A 202 -7.23 7.25 9.94
N ASN A 202 -7.26 7.24 9.93
CA ASN A 202 -7.43 6.60 8.65
CA ASN A 202 -7.45 6.63 8.62
C ASN A 202 -8.88 6.17 8.42
C ASN A 202 -8.84 6.04 8.39
N HIS A 203 -9.51 5.66 9.46
CA HIS A 203 -10.89 5.17 9.35
C HIS A 203 -11.88 6.33 9.45
N VAL A 204 -13.04 6.18 8.81
CA VAL A 204 -14.16 7.07 9.07
C VAL A 204 -14.91 6.53 10.28
N CYS A 205 -15.05 7.34 11.32
CA CYS A 205 -15.63 6.87 12.58
C CYS A 205 -16.68 7.85 13.13
N VAL A 206 -17.40 7.39 14.15
CA VAL A 206 -18.37 8.22 14.85
C VAL A 206 -17.80 8.61 16.21
N ILE A 207 -17.96 9.89 16.56
CA ILE A 207 -17.44 10.42 17.82
C ILE A 207 -18.26 9.93 19.02
N SER A 208 -17.58 9.69 20.13
CA SER A 208 -18.26 9.35 21.38
C SER A 208 -18.78 10.63 22.02
N GLU A 209 -19.52 10.49 23.12
CA GLU A 209 -20.04 11.65 23.83
C GLU A 209 -18.93 12.41 24.56
N THR A 210 -17.97 11.65 25.09
CA THR A 210 -16.81 12.25 25.74
C THR A 210 -15.94 12.98 24.73
N GLY A 211 -15.83 12.39 23.53
CA GLY A 211 -15.05 12.97 22.46
C GLY A 211 -15.58 14.31 22.00
N LYS A 212 -16.90 14.40 21.85
CA LYS A 212 -17.55 15.66 21.48
C LYS A 212 -17.30 16.73 22.55
N ALA A 213 -17.40 16.32 23.81
CA ALA A 213 -17.24 17.23 24.93
C ALA A 213 -15.78 17.70 25.08
N LYS A 214 -14.85 16.78 24.86
CA LYS A 214 -13.43 17.09 25.03
C LYS A 214 -12.93 18.08 23.99
N TYR A 215 -13.35 17.89 22.74
CA TYR A 215 -12.88 18.74 21.65
C TYR A 215 -13.90 19.78 21.23
N LYS A 216 -14.91 20.00 22.08
CA LYS A 216 -15.92 21.01 21.84
C LYS A 216 -15.29 22.40 21.82
N ALA A 217 -15.78 23.26 20.93
CA ALA A 217 -15.31 24.64 20.86
C ALA A 217 -16.45 25.59 21.22
N ARG B 3 -9.51 -14.84 22.97
CA ARG B 3 -10.29 -13.79 23.60
C ARG B 3 -11.42 -13.30 22.68
N SER B 4 -11.07 -12.50 21.69
CA SER B 4 -12.04 -11.92 20.77
C SER B 4 -12.56 -12.94 19.75
N PRO B 5 -13.87 -12.87 19.46
CA PRO B 5 -14.49 -13.74 18.46
C PRO B 5 -14.23 -13.23 17.05
N GLY B 6 -13.61 -12.06 16.95
CA GLY B 6 -13.31 -11.45 15.66
C GLY B 6 -14.45 -10.60 15.14
N VAL B 7 -14.29 -10.06 13.93
CA VAL B 7 -15.35 -9.27 13.31
C VAL B 7 -16.52 -10.18 12.98
N VAL B 8 -17.64 -9.96 13.68
CA VAL B 8 -18.81 -10.80 13.53
C VAL B 8 -19.70 -10.36 12.37
N ILE B 9 -19.86 -11.24 11.39
CA ILE B 9 -20.75 -10.98 10.27
C ILE B 9 -22.04 -11.79 10.44
N SER B 10 -23.16 -11.07 10.47
CA SER B 10 -24.45 -11.66 10.80
C SER B 10 -25.06 -12.49 9.66
N ASP B 11 -26.08 -13.27 10.00
CA ASP B 11 -26.75 -14.12 9.02
C ASP B 11 -27.45 -13.32 7.92
N ASP B 12 -28.04 -12.20 8.31
CA ASP B 12 -28.82 -11.39 7.39
C ASP B 12 -27.98 -10.41 6.57
N GLU B 13 -26.66 -10.44 6.78
CA GLU B 13 -25.74 -9.56 6.07
C GLU B 13 -25.85 -9.73 4.56
N PRO B 14 -26.33 -8.70 3.85
CA PRO B 14 -26.56 -8.77 2.41
C PRO B 14 -25.27 -8.66 1.60
N GLY B 15 -24.21 -8.12 2.21
CA GLY B 15 -22.96 -7.93 1.50
C GLY B 15 -23.07 -6.80 0.50
N TYR B 16 -22.12 -6.73 -0.43
CA TYR B 16 -22.06 -5.62 -1.37
C TYR B 16 -22.26 -6.04 -2.82
N ASP B 17 -22.85 -5.14 -3.61
CA ASP B 17 -23.02 -5.34 -5.04
C ASP B 17 -21.64 -5.35 -5.71
N LEU B 18 -21.46 -6.25 -6.67
CA LEU B 18 -20.17 -6.38 -7.36
C LEU B 18 -19.82 -5.11 -8.13
N ASP B 19 -20.84 -4.38 -8.58
CA ASP B 19 -20.65 -3.17 -9.37
C ASP B 19 -19.97 -2.05 -8.58
N LEU B 20 -20.01 -2.15 -7.26
CA LEU B 20 -19.47 -1.11 -6.39
C LEU B 20 -17.96 -1.20 -6.27
N PHE B 21 -17.39 -2.32 -6.69
CA PHE B 21 -15.96 -2.55 -6.57
C PHE B 21 -15.31 -2.96 -7.88
N CYS B 22 -13.99 -3.02 -7.89
CA CYS B 22 -13.25 -3.47 -9.06
C CYS B 22 -13.05 -4.98 -8.96
N ILE B 23 -13.83 -5.73 -9.72
CA ILE B 23 -13.83 -7.18 -9.63
C ILE B 23 -13.20 -7.82 -10.87
N PRO B 24 -12.38 -8.87 -10.65
CA PRO B 24 -11.85 -9.71 -11.72
C PRO B 24 -12.99 -10.19 -12.61
N ASN B 25 -13.15 -9.59 -13.78
CA ASN B 25 -14.35 -9.76 -14.59
C ASN B 25 -14.48 -11.08 -15.35
N HIS B 26 -13.61 -12.04 -15.06
CA HIS B 26 -13.84 -13.41 -15.51
C HIS B 26 -14.63 -14.15 -14.44
N TYR B 27 -15.19 -13.37 -13.50
CA TYR B 27 -15.97 -13.89 -12.38
C TYR B 27 -17.28 -13.11 -12.21
N ALA B 28 -17.71 -12.44 -13.27
CA ALA B 28 -18.86 -11.54 -13.20
C ALA B 28 -20.17 -12.21 -12.80
N GLU B 29 -20.51 -13.30 -13.49
CA GLU B 29 -21.81 -13.96 -13.29
C GLU B 29 -21.77 -15.15 -12.33
N ASP B 30 -20.60 -15.45 -11.79
CA ASP B 30 -20.43 -16.61 -10.94
C ASP B 30 -20.59 -16.29 -9.46
N LEU B 31 -20.44 -15.02 -9.11
CA LEU B 31 -20.49 -14.60 -7.70
C LEU B 31 -21.82 -13.93 -7.36
N GLU B 32 -22.28 -14.14 -6.13
CA GLU B 32 -23.52 -13.53 -5.69
C GLU B 32 -23.29 -12.09 -5.20
N ARG B 33 -22.53 -11.97 -4.11
CA ARG B 33 -22.20 -10.67 -3.54
C ARG B 33 -20.78 -10.67 -3.00
N VAL B 34 -20.24 -9.49 -2.73
CA VAL B 34 -18.98 -9.38 -2.00
C VAL B 34 -19.29 -9.38 -0.51
N PHE B 35 -18.69 -10.32 0.21
CA PHE B 35 -18.93 -10.43 1.65
C PHE B 35 -17.92 -9.60 2.43
N ILE B 36 -16.63 -9.85 2.18
CA ILE B 36 -15.57 -9.14 2.86
C ILE B 36 -14.60 -8.51 1.85
N PRO B 37 -14.69 -7.18 1.68
CA PRO B 37 -13.82 -6.45 0.76
C PRO B 37 -12.35 -6.57 1.17
N HIS B 38 -11.46 -6.56 0.18
CA HIS B 38 -10.02 -6.72 0.38
C HIS B 38 -9.45 -5.81 1.47
N GLY B 39 -9.81 -4.54 1.42
CA GLY B 39 -9.29 -3.57 2.36
C GLY B 39 -9.77 -3.80 3.79
N LEU B 40 -10.97 -4.33 3.94
CA LEU B 40 -11.51 -4.69 5.26
C LEU B 40 -10.65 -5.80 5.86
N ILE B 41 -10.25 -6.74 5.03
CA ILE B 41 -9.37 -7.82 5.46
C ILE B 41 -8.04 -7.24 5.93
N MET B 42 -7.50 -6.31 5.17
CA MET B 42 -6.23 -5.67 5.49
C MET B 42 -6.27 -4.95 6.84
N ASP B 43 -7.30 -4.12 7.03
CA ASP B 43 -7.46 -3.37 8.27
C ASP B 43 -7.58 -4.30 9.47
N ARG B 44 -8.31 -5.40 9.29
CA ARG B 44 -8.47 -6.40 10.34
C ARG B 44 -7.15 -7.15 10.59
N THR B 45 -6.44 -7.46 9.50
CA THR B 45 -5.18 -8.18 9.59
C THR B 45 -4.10 -7.35 10.29
N GLU B 46 -4.15 -6.03 10.10
CA GLU B 46 -3.22 -5.14 10.78
C GLU B 46 -3.38 -5.26 12.29
N ARG B 47 -4.62 -5.29 12.76
CA ARG B 47 -4.90 -5.42 14.18
C ARG B 47 -4.48 -6.79 14.70
N LEU B 48 -4.81 -7.84 13.94
CA LEU B 48 -4.41 -9.20 14.29
C LEU B 48 -2.91 -9.29 14.48
N ALA B 49 -2.17 -8.64 13.58
CA ALA B 49 -0.71 -8.63 13.64
C ALA B 49 -0.20 -8.06 14.95
N ARG B 50 -0.86 -7.02 15.46
CA ARG B 50 -0.46 -6.39 16.70
C ARG B 50 -0.79 -7.28 17.89
N ASP B 51 -1.89 -8.03 17.77
CA ASP B 51 -2.30 -8.97 18.81
C ASP B 51 -1.32 -10.14 18.89
N VAL B 52 -0.90 -10.62 17.72
CA VAL B 52 0.04 -11.73 17.63
C VAL B 52 1.36 -11.37 18.31
N MET B 53 1.85 -10.17 18.01
CA MET B 53 3.11 -9.70 18.58
C MET B 53 3.00 -9.47 20.09
N LYS B 54 1.83 -9.04 20.55
CA LYS B 54 1.62 -8.82 21.97
C LYS B 54 1.68 -10.13 22.73
N GLU B 55 1.25 -11.21 22.07
CA GLU B 55 1.05 -12.48 22.73
C GLU B 55 2.19 -13.47 22.51
N MET B 56 2.89 -13.34 21.38
CA MET B 56 3.93 -14.30 21.03
C MET B 56 5.28 -13.62 20.73
N GLY B 57 5.30 -12.30 20.86
CA GLY B 57 6.51 -11.54 20.55
C GLY B 57 7.55 -11.54 21.65
N GLY B 58 7.53 -12.57 22.48
CA GLY B 58 8.49 -12.71 23.56
C GLY B 58 9.45 -13.87 23.32
N HIS B 59 9.44 -14.39 22.09
CA HIS B 59 10.29 -15.50 21.71
C HIS B 59 10.34 -15.63 20.19
N HIS B 60 11.30 -16.43 19.70
CA HIS B 60 11.40 -16.70 18.26
C HIS B 60 10.13 -17.36 17.75
N ILE B 61 9.60 -16.84 16.63
CA ILE B 61 8.35 -17.35 16.09
C ILE B 61 8.54 -18.10 14.78
N VAL B 62 7.91 -19.27 14.69
CA VAL B 62 7.84 -20.00 13.43
C VAL B 62 6.44 -19.83 12.84
N ALA B 63 6.36 -19.16 11.70
CA ALA B 63 5.08 -18.92 11.04
C ALA B 63 4.77 -20.04 10.05
N LEU B 64 3.69 -20.76 10.32
CA LEU B 64 3.35 -21.94 9.52
C LEU B 64 2.15 -21.68 8.61
N CYS B 65 2.41 -21.61 7.30
CA CYS B 65 1.35 -21.35 6.32
C CYS B 65 0.70 -22.63 5.84
N VAL B 66 -0.63 -22.70 5.98
CA VAL B 66 -1.40 -23.84 5.50
C VAL B 66 -1.86 -23.61 4.06
N LEU B 67 -1.17 -24.23 3.12
CA LEU B 67 -1.47 -24.08 1.70
C LEU B 67 -2.72 -24.86 1.31
N LYS B 68 -3.45 -24.43 0.27
CA LYS B 68 -3.12 -23.24 -0.51
C LYS B 68 -3.87 -22.00 -0.04
N GLY B 69 -5.03 -22.23 0.58
CA GLY B 69 -5.96 -21.16 0.90
C GLY B 69 -5.42 -20.09 1.83
N GLY B 70 -4.38 -20.41 2.59
CA GLY B 70 -3.86 -19.50 3.59
C GLY B 70 -2.74 -18.59 3.10
N TYR B 71 -2.33 -18.74 1.84
CA TYR B 71 -1.17 -18.03 1.33
C TYR B 71 -1.31 -16.50 1.32
N LYS B 72 -2.48 -16.00 0.91
CA LYS B 72 -2.70 -14.56 0.88
C LYS B 72 -2.76 -13.97 2.28
N PHE B 73 -3.49 -14.63 3.17
CA PHE B 73 -3.59 -14.19 4.55
C PHE B 73 -2.22 -14.22 5.22
N PHE B 74 -1.48 -15.30 4.97
CA PHE B 74 -0.14 -15.49 5.51
C PHE B 74 0.81 -14.36 5.13
N ALA B 75 0.81 -14.00 3.85
CA ALA B 75 1.70 -12.95 3.36
C ALA B 75 1.37 -11.59 3.97
N ASP B 76 0.10 -11.20 3.91
CA ASP B 76 -0.33 -9.92 4.46
C ASP B 76 -0.14 -9.85 5.96
N LEU B 77 -0.41 -10.96 6.66
CA LEU B 77 -0.23 -11.01 8.10
C LEU B 77 1.23 -10.80 8.47
N LEU B 78 2.11 -11.46 7.73
CA LEU B 78 3.55 -11.32 7.97
C LEU B 78 4.05 -9.94 7.59
N ASP B 79 3.47 -9.35 6.56
CA ASP B 79 3.88 -8.00 6.14
C ASP B 79 3.55 -6.97 7.21
N TYR B 80 2.42 -7.16 7.89
CA TYR B 80 2.02 -6.25 8.96
C TYR B 80 2.87 -6.49 10.21
N ILE B 81 3.25 -7.74 10.43
CA ILE B 81 4.15 -8.06 11.54
C ILE B 81 5.53 -7.46 11.29
N LYS B 82 6.03 -7.64 10.07
CA LYS B 82 7.33 -7.07 9.69
C LYS B 82 7.33 -5.54 9.80
N ALA B 83 6.19 -4.92 9.53
CA ALA B 83 6.06 -3.48 9.63
C ALA B 83 6.17 -3.01 11.09
N LEU B 84 5.61 -3.81 12.00
CA LEU B 84 5.74 -3.54 13.42
C LEU B 84 7.18 -3.70 13.88
N ASN B 85 7.84 -4.74 13.37
CA ASN B 85 9.18 -5.11 13.81
C ASN B 85 10.28 -4.14 13.37
N ARG B 86 9.99 -3.31 12.36
CA ARG B 86 10.98 -2.36 11.87
C ARG B 86 10.66 -0.93 12.28
N ASN B 87 9.66 -0.76 13.13
CA ASN B 87 9.28 0.56 13.62
C ASN B 87 9.02 0.57 15.13
N SER B 88 9.44 -0.50 15.80
CA SER B 88 9.30 -0.60 17.25
C SER B 88 10.64 -0.98 17.86
N ASP B 89 10.75 -0.82 19.18
CA ASP B 89 11.95 -1.26 19.89
C ASP B 89 11.84 -2.74 20.21
N ARG B 90 10.61 -3.25 20.27
CA ARG B 90 10.38 -4.67 20.49
C ARG B 90 10.37 -5.39 19.15
N SER B 91 11.09 -6.51 19.08
CA SER B 91 11.22 -7.24 17.83
C SER B 91 11.64 -8.68 18.04
N ILE B 92 10.95 -9.59 17.36
CA ILE B 92 11.34 -11.00 17.36
C ILE B 92 11.61 -11.49 15.94
N PRO B 93 12.65 -12.32 15.78
CA PRO B 93 12.91 -12.94 14.48
C PRO B 93 11.81 -13.95 14.12
N MET B 94 11.55 -14.10 12.83
CA MET B 94 10.57 -15.07 12.37
C MET B 94 11.16 -15.95 11.29
N THR B 95 10.84 -17.24 11.35
CA THR B 95 11.12 -18.15 10.26
C THR B 95 9.79 -18.58 9.67
N VAL B 96 9.79 -19.00 8.40
CA VAL B 96 8.54 -19.37 7.74
C VAL B 96 8.56 -20.80 7.23
N ASP B 97 7.38 -21.43 7.25
CA ASP B 97 7.25 -22.81 6.79
C ASP B 97 5.92 -22.99 6.06
N PHE B 98 5.86 -23.97 5.16
CA PHE B 98 4.67 -24.20 4.35
C PHE B 98 4.25 -25.67 4.37
N ILE B 99 2.97 -25.91 4.70
CA ILE B 99 2.46 -27.27 4.78
C ILE B 99 1.13 -27.43 4.03
N ARG B 100 0.86 -28.64 3.57
CA ARG B 100 -0.40 -28.94 2.90
C ARG B 100 -0.99 -30.26 3.39
N ILE B 116 1.12 -32.88 4.25
CA ILE B 116 2.01 -33.29 3.17
C ILE B 116 3.43 -32.74 3.38
N GLY B 117 3.77 -31.66 2.69
CA GLY B 117 5.14 -31.19 2.64
C GLY B 117 5.63 -30.43 3.85
N GLY B 118 6.65 -29.60 3.64
CA GLY B 118 7.25 -28.81 4.70
C GLY B 118 8.55 -29.38 5.22
N ASP B 119 9.19 -28.66 6.14
CA ASP B 119 10.41 -29.14 6.77
C ASP B 119 10.08 -30.16 7.85
N ASP B 120 11.09 -30.88 8.33
CA ASP B 120 10.92 -31.81 9.44
C ASP B 120 10.38 -31.03 10.64
N LEU B 121 9.31 -31.52 11.23
CA LEU B 121 8.65 -30.80 12.34
C LEU B 121 9.48 -30.85 13.62
N SER B 122 10.71 -31.33 13.50
CA SER B 122 11.68 -31.30 14.59
C SER B 122 12.15 -29.87 14.79
N THR B 123 11.97 -29.05 13.76
CA THR B 123 12.34 -27.63 13.81
C THR B 123 11.35 -26.82 14.63
N LEU B 124 10.23 -27.46 14.98
CA LEU B 124 9.18 -26.80 15.76
C LEU B 124 9.43 -26.92 17.26
N THR B 125 10.31 -27.84 17.64
CA THR B 125 10.60 -28.08 19.05
C THR B 125 11.21 -26.85 19.72
N GLY B 126 10.63 -26.46 20.86
CA GLY B 126 11.15 -25.35 21.65
C GLY B 126 10.86 -23.97 21.09
N LYS B 127 10.15 -23.92 19.96
CA LYS B 127 9.88 -22.66 19.29
C LYS B 127 8.43 -22.22 19.47
N ASN B 128 8.16 -20.94 19.23
CA ASN B 128 6.80 -20.44 19.19
C ASN B 128 6.20 -20.61 17.81
N VAL B 129 5.22 -21.49 17.69
CA VAL B 129 4.62 -21.80 16.39
C VAL B 129 3.29 -21.09 16.18
N LEU B 130 3.22 -20.31 15.10
CA LEU B 130 1.98 -19.64 14.73
C LEU B 130 1.46 -20.29 13.45
N ILE B 131 0.34 -21.01 13.59
CA ILE B 131 -0.31 -21.63 12.44
C ILE B 131 -1.26 -20.64 11.77
N VAL B 132 -1.12 -20.48 10.46
CA VAL B 132 -1.93 -19.54 9.71
C VAL B 132 -2.84 -20.25 8.71
N GLU B 133 -4.14 -20.20 8.96
CA GLU B 133 -5.13 -20.93 8.18
C GLU B 133 -6.14 -19.95 7.55
N ASP B 134 -6.74 -20.36 6.43
CA ASP B 134 -7.73 -19.52 5.76
C ASP B 134 -9.11 -19.56 6.42
N ILE B 135 -9.57 -20.74 6.81
CA ILE B 135 -10.91 -20.88 7.36
C ILE B 135 -11.09 -22.11 8.24
N ILE B 136 -11.83 -21.93 9.34
CA ILE B 136 -12.23 -23.03 10.21
C ILE B 136 -13.72 -23.35 10.02
N ASP B 137 -14.02 -24.54 9.54
CA ASP B 137 -15.41 -24.96 9.38
C ASP B 137 -15.80 -25.90 10.51
N THR B 138 -15.55 -27.19 10.34
CA THR B 138 -15.84 -28.17 11.37
C THR B 138 -14.79 -28.09 12.47
N GLY B 139 -13.57 -27.74 12.09
CA GLY B 139 -12.47 -27.63 13.03
C GLY B 139 -11.62 -28.89 13.05
N LYS B 140 -11.99 -29.87 12.24
CA LYS B 140 -11.29 -31.15 12.20
C LYS B 140 -9.86 -31.02 11.69
N THR B 141 -9.69 -30.27 10.59
CA THR B 141 -8.38 -30.09 9.99
C THR B 141 -7.36 -29.53 10.99
N MET B 142 -7.79 -28.57 11.78
CA MET B 142 -6.90 -27.90 12.74
C MET B 142 -6.63 -28.78 13.97
N GLN B 143 -7.63 -29.55 14.39
CA GLN B 143 -7.44 -30.48 15.50
C GLN B 143 -6.41 -31.54 15.14
N THR B 144 -6.53 -32.07 13.94
CA THR B 144 -5.57 -33.03 13.41
C THR B 144 -4.18 -32.41 13.33
N LEU B 145 -4.13 -31.18 12.85
CA LEU B 145 -2.86 -30.47 12.71
C LEU B 145 -2.24 -30.13 14.05
N LEU B 146 -3.07 -29.65 14.97
CA LEU B 146 -2.61 -29.36 16.33
C LEU B 146 -2.15 -30.61 17.04
N SER B 147 -2.75 -31.74 16.70
CA SER B 147 -2.37 -33.02 17.27
C SER B 147 -0.97 -33.40 16.81
N LEU B 148 -0.72 -33.25 15.51
CA LEU B 148 0.55 -33.66 14.91
C LEU B 148 1.70 -32.74 15.31
N VAL B 149 1.41 -31.45 15.44
CA VAL B 149 2.44 -30.48 15.84
C VAL B 149 2.86 -30.68 17.28
N ARG B 150 1.90 -30.88 18.17
CA ARG B 150 2.17 -30.99 19.59
C ARG B 150 3.00 -32.21 19.97
N GLN B 151 3.07 -33.20 19.08
CA GLN B 151 3.86 -34.39 19.35
C GLN B 151 5.35 -34.13 19.11
N TYR B 152 5.67 -32.88 18.77
CA TYR B 152 7.06 -32.47 18.64
C TYR B 152 7.39 -31.42 19.70
N ASN B 153 6.50 -31.30 20.68
CA ASN B 153 6.66 -30.40 21.82
C ASN B 153 7.20 -29.00 21.50
N PRO B 154 6.36 -28.16 20.88
CA PRO B 154 6.74 -26.77 20.67
C PRO B 154 6.61 -25.99 21.97
N LYS B 155 7.32 -24.88 22.08
CA LYS B 155 7.23 -24.02 23.24
C LYS B 155 5.81 -23.46 23.36
N MET B 156 5.21 -23.21 22.20
CA MET B 156 3.88 -22.60 22.12
C MET B 156 3.28 -22.83 20.75
N VAL B 157 2.00 -23.20 20.71
CA VAL B 157 1.27 -23.28 19.45
C VAL B 157 0.07 -22.35 19.49
N LYS B 158 -0.01 -21.45 18.52
CA LYS B 158 -1.18 -20.61 18.36
C LYS B 158 -1.69 -20.73 16.94
N VAL B 159 -2.99 -20.50 16.77
CA VAL B 159 -3.60 -20.58 15.45
C VAL B 159 -4.32 -19.28 15.09
N ALA B 160 -3.97 -18.73 13.93
CA ALA B 160 -4.65 -17.55 13.40
C ALA B 160 -5.39 -17.92 12.13
N SER B 161 -6.71 -17.80 12.15
CA SER B 161 -7.53 -18.08 10.99
C SER B 161 -8.23 -16.81 10.52
N LEU B 162 -8.24 -16.59 9.21
CA LEU B 162 -8.91 -15.43 8.65
C LEU B 162 -10.42 -15.52 8.90
N LEU B 163 -10.97 -16.71 8.69
CA LEU B 163 -12.40 -16.93 8.83
C LEU B 163 -12.73 -18.05 9.82
N VAL B 164 -13.84 -17.89 10.52
CA VAL B 164 -14.44 -18.96 11.30
C VAL B 164 -15.92 -19.00 10.93
N LYS B 165 -16.41 -20.19 10.62
CA LYS B 165 -17.79 -20.33 10.13
C LYS B 165 -18.74 -20.84 11.21
N ARG B 166 -19.83 -20.12 11.43
CA ARG B 166 -20.88 -20.60 12.31
C ARG B 166 -21.63 -21.74 11.64
N THR B 167 -21.40 -22.96 12.12
CA THR B 167 -21.98 -24.14 11.50
C THR B 167 -22.36 -25.18 12.55
N PRO B 168 -23.45 -25.91 12.32
CA PRO B 168 -23.90 -26.97 13.23
C PRO B 168 -22.92 -28.13 13.29
N ARG B 169 -22.03 -28.20 12.31
CA ARG B 169 -21.07 -29.30 12.21
C ARG B 169 -19.77 -28.97 12.93
N SER B 170 -19.77 -27.88 13.69
CA SER B 170 -18.58 -27.46 14.43
C SER B 170 -18.31 -28.37 15.64
N VAL B 171 -17.04 -28.70 15.84
CA VAL B 171 -16.62 -29.47 17.00
C VAL B 171 -16.74 -28.60 18.25
N GLY B 172 -16.38 -27.33 18.10
CA GLY B 172 -16.38 -26.40 19.22
C GLY B 172 -14.99 -25.84 19.44
N TYR B 173 -14.12 -26.05 18.46
CA TYR B 173 -12.78 -25.49 18.50
C TYR B 173 -12.78 -24.01 18.13
N LYS B 174 -12.03 -23.21 18.87
CA LYS B 174 -11.89 -21.80 18.56
C LYS B 174 -10.42 -21.45 18.49
N PRO B 175 -9.98 -20.87 17.37
CA PRO B 175 -8.57 -20.49 17.21
C PRO B 175 -8.22 -19.30 18.09
N ASP B 176 -6.92 -18.98 18.17
CA ASP B 176 -6.45 -17.92 19.06
C ASP B 176 -6.64 -16.54 18.45
N PHE B 177 -6.57 -16.47 17.12
CA PHE B 177 -6.79 -15.20 16.43
C PHE B 177 -7.78 -15.40 15.30
N VAL B 178 -8.86 -14.62 15.32
CA VAL B 178 -9.88 -14.67 14.27
C VAL B 178 -10.00 -13.33 13.58
N GLY B 179 -9.98 -13.35 12.25
CA GLY B 179 -10.26 -12.16 11.49
C GLY B 179 -11.76 -11.91 11.45
N PHE B 180 -12.49 -12.88 10.91
CA PHE B 180 -13.93 -12.72 10.68
C PHE B 180 -14.72 -13.98 11.02
N GLU B 181 -15.84 -13.81 11.70
CA GLU B 181 -16.79 -14.88 11.94
C GLU B 181 -17.96 -14.76 10.97
N ILE B 182 -18.12 -15.75 10.10
CA ILE B 182 -19.08 -15.66 9.01
C ILE B 182 -20.21 -16.70 9.13
N PRO B 183 -21.35 -16.44 8.45
CA PRO B 183 -22.45 -17.42 8.42
C PRO B 183 -22.07 -18.70 7.68
N ASP B 184 -22.98 -19.68 7.67
CA ASP B 184 -22.74 -20.94 6.98
C ASP B 184 -23.04 -20.80 5.50
N LYS B 185 -22.16 -20.10 4.78
CA LYS B 185 -22.26 -19.97 3.33
C LYS B 185 -20.88 -20.22 2.74
N PHE B 186 -20.83 -20.81 1.54
CA PHE B 186 -19.54 -21.11 0.93
C PHE B 186 -18.90 -19.87 0.33
N VAL B 187 -17.86 -19.39 1.00
CA VAL B 187 -17.14 -18.21 0.55
C VAL B 187 -15.93 -18.59 -0.31
N VAL B 188 -15.58 -17.72 -1.25
CA VAL B 188 -14.41 -17.90 -2.08
C VAL B 188 -13.66 -16.58 -2.20
N GLY B 189 -12.45 -16.61 -2.75
CA GLY B 189 -11.66 -15.40 -2.93
C GLY B 189 -10.62 -15.22 -1.85
N TYR B 190 -9.66 -14.31 -2.11
CA TYR B 190 -8.54 -14.08 -1.21
C TYR B 190 -7.83 -15.40 -0.91
N ALA B 191 -7.49 -16.10 -2.00
CA ALA B 191 -6.87 -17.43 -1.97
C ALA B 191 -7.83 -18.58 -1.64
N LEU B 192 -9.02 -18.27 -1.13
CA LEU B 192 -10.02 -19.30 -0.89
C LEU B 192 -10.68 -19.73 -2.20
N ASP B 193 -10.74 -21.03 -2.42
CA ASP B 193 -11.14 -21.55 -3.73
C ASP B 193 -12.46 -22.30 -3.72
N TYR B 194 -12.95 -22.57 -4.93
CA TYR B 194 -13.97 -23.58 -5.17
C TYR B 194 -13.46 -24.43 -6.31
N ASN B 195 -12.93 -25.61 -5.98
N ASN B 195 -12.93 -25.61 -5.98
CA ASN B 195 -12.33 -26.51 -6.94
CA ASN B 195 -12.33 -26.50 -6.98
C ASN B 195 -11.21 -25.85 -7.75
C ASN B 195 -11.24 -25.78 -7.77
N GLU B 196 -10.32 -25.15 -7.04
CA GLU B 196 -9.19 -24.43 -7.62
C GLU B 196 -9.52 -23.14 -8.39
N TYR B 197 -10.80 -22.80 -8.47
CA TYR B 197 -11.20 -21.53 -9.06
C TYR B 197 -11.38 -20.46 -7.97
N PHE B 198 -11.40 -19.19 -8.38
CA PHE B 198 -11.64 -18.04 -7.51
C PHE B 198 -10.47 -17.63 -6.58
N ARG B 199 -9.32 -18.27 -6.73
CA ARG B 199 -8.16 -17.92 -5.90
C ARG B 199 -7.60 -16.55 -6.24
N ASP B 200 -7.71 -16.15 -7.50
CA ASP B 200 -7.16 -14.89 -7.98
C ASP B 200 -8.09 -13.69 -7.70
N LEU B 201 -9.08 -13.90 -6.85
CA LEU B 201 -10.04 -12.87 -6.48
C LEU B 201 -9.59 -12.19 -5.19
N ASN B 202 -9.58 -10.86 -5.19
CA ASN B 202 -9.07 -10.11 -4.04
C ASN B 202 -10.02 -9.99 -2.85
N HIS B 203 -11.31 -10.11 -3.11
CA HIS B 203 -12.31 -10.00 -2.05
C HIS B 203 -12.87 -11.36 -1.69
N VAL B 204 -13.39 -11.49 -0.47
CA VAL B 204 -14.12 -12.69 -0.10
C VAL B 204 -15.58 -12.52 -0.52
N CYS B 205 -16.03 -13.40 -1.40
CA CYS B 205 -17.37 -13.30 -1.97
C CYS B 205 -18.11 -14.64 -1.87
N VAL B 206 -19.43 -14.59 -2.04
CA VAL B 206 -20.22 -15.82 -2.00
C VAL B 206 -20.46 -16.34 -3.41
N ILE B 207 -20.13 -17.61 -3.65
CA ILE B 207 -20.31 -18.23 -4.96
C ILE B 207 -21.78 -18.57 -5.20
N SER B 208 -22.28 -18.23 -6.38
CA SER B 208 -23.68 -18.45 -6.74
C SER B 208 -23.94 -19.89 -7.19
N GLU B 209 -25.16 -20.13 -7.68
CA GLU B 209 -25.52 -21.44 -8.21
C GLU B 209 -25.03 -21.56 -9.65
N THR B 210 -25.11 -20.45 -10.39
CA THR B 210 -24.58 -20.38 -11.73
C THR B 210 -23.05 -20.40 -11.72
N GLY B 211 -22.48 -20.35 -10.53
CA GLY B 211 -21.05 -20.47 -10.34
C GLY B 211 -20.69 -21.83 -9.79
N LYS B 212 -21.55 -22.37 -8.94
CA LYS B 212 -21.33 -23.68 -8.34
C LYS B 212 -21.44 -24.81 -9.36
N ALA B 213 -22.57 -24.88 -10.05
CA ALA B 213 -22.81 -25.93 -11.03
C ALA B 213 -21.82 -25.85 -12.18
N LYS B 214 -21.40 -24.64 -12.51
CA LYS B 214 -20.44 -24.41 -13.59
C LYS B 214 -19.06 -24.97 -13.27
N TYR B 215 -18.56 -24.67 -12.07
CA TYR B 215 -17.21 -25.07 -11.69
C TYR B 215 -17.16 -26.34 -10.86
N LYS B 216 -18.28 -27.05 -10.81
CA LYS B 216 -18.40 -28.29 -10.05
C LYS B 216 -17.49 -29.39 -10.60
N ALA B 217 -16.98 -30.22 -9.70
CA ALA B 217 -16.19 -31.41 -10.05
C ALA B 217 -14.98 -31.10 -10.95
N SER C 4 22.58 13.73 9.60
CA SER C 4 22.08 12.98 8.47
C SER C 4 21.66 13.89 7.31
N PRO C 5 22.41 13.85 6.20
CA PRO C 5 22.07 14.61 5.00
C PRO C 5 21.07 13.87 4.12
N GLY C 6 20.58 12.73 4.60
CA GLY C 6 19.66 11.91 3.84
C GLY C 6 20.38 11.09 2.79
N VAL C 7 19.62 10.40 1.95
CA VAL C 7 20.20 9.60 0.88
C VAL C 7 20.90 10.50 -0.14
N VAL C 8 22.21 10.37 -0.24
CA VAL C 8 23.01 11.20 -1.12
C VAL C 8 23.05 10.65 -2.54
N ILE C 9 22.72 11.50 -3.52
CA ILE C 9 22.82 11.14 -4.92
C ILE C 9 23.99 11.87 -5.57
N SER C 10 24.93 11.11 -6.13
CA SER C 10 26.13 11.68 -6.72
C SER C 10 25.83 12.49 -7.97
N ASP C 11 26.77 13.37 -8.35
CA ASP C 11 26.60 14.26 -9.49
C ASP C 11 26.55 13.51 -10.82
N ASP C 12 27.15 12.32 -10.86
CA ASP C 12 27.22 11.55 -12.09
C ASP C 12 26.27 10.37 -12.10
N GLU C 13 25.30 10.38 -11.19
CA GLU C 13 24.25 9.36 -11.15
C GLU C 13 23.50 9.35 -12.47
N PRO C 14 23.55 8.21 -13.20
CA PRO C 14 22.92 8.09 -14.50
C PRO C 14 21.39 7.99 -14.41
N GLY C 15 20.89 7.55 -13.27
CA GLY C 15 19.48 7.30 -13.12
C GLY C 15 19.11 6.02 -13.82
N TYR C 16 17.81 5.79 -14.04
CA TYR C 16 17.36 4.56 -14.68
C TYR C 16 16.74 4.81 -16.04
N ASP C 17 16.90 3.83 -16.93
CA ASP C 17 16.21 3.84 -18.22
C ASP C 17 14.71 3.75 -17.96
N LEU C 18 13.93 4.54 -18.69
CA LEU C 18 12.48 4.58 -18.51
C LEU C 18 11.82 3.23 -18.80
N ASP C 19 12.46 2.42 -19.63
CA ASP C 19 11.91 1.12 -20.03
C ASP C 19 11.88 0.12 -18.88
N LEU C 20 12.61 0.41 -17.81
CA LEU C 20 12.70 -0.49 -16.67
C LEU C 20 11.57 -0.29 -15.68
N PHE C 21 10.87 0.84 -15.81
CA PHE C 21 9.79 1.18 -14.89
C PHE C 21 8.49 1.46 -15.63
N CYS C 22 7.38 1.46 -14.89
CA CYS C 22 6.09 1.81 -15.44
C CYS C 22 5.88 3.32 -15.31
N ILE C 23 5.82 4.00 -16.46
CA ILE C 23 5.58 5.45 -16.47
C ILE C 23 4.35 5.78 -17.30
N PRO C 24 3.68 6.91 -16.99
CA PRO C 24 2.52 7.32 -17.79
C PRO C 24 2.91 7.57 -19.23
N ASN C 25 2.19 6.97 -20.17
CA ASN C 25 2.55 7.06 -21.58
C ASN C 25 2.44 8.46 -22.16
N HIS C 26 1.69 9.33 -21.51
CA HIS C 26 1.56 10.71 -21.97
C HIS C 26 2.78 11.56 -21.59
N TYR C 27 3.74 10.94 -20.91
CA TYR C 27 5.01 11.57 -20.56
C TYR C 27 6.17 10.76 -21.14
N ALA C 28 5.84 9.79 -21.97
CA ALA C 28 6.82 8.83 -22.48
C ALA C 28 8.03 9.49 -23.14
N GLU C 29 7.78 10.47 -23.99
CA GLU C 29 8.84 11.14 -24.74
C GLU C 29 9.20 12.49 -24.13
N ASP C 30 8.79 12.69 -22.87
CA ASP C 30 9.01 13.96 -22.20
C ASP C 30 10.02 13.84 -21.06
N LEU C 31 10.38 12.61 -20.73
CA LEU C 31 11.34 12.36 -19.65
C LEU C 31 12.60 11.69 -20.19
N GLU C 32 13.70 11.86 -19.48
CA GLU C 32 14.97 11.29 -19.91
C GLU C 32 15.32 10.04 -19.10
N ARG C 33 15.47 10.21 -17.78
CA ARG C 33 15.78 9.10 -16.89
C ARG C 33 14.93 9.17 -15.63
N VAL C 34 14.68 8.02 -15.02
CA VAL C 34 14.10 7.99 -13.69
C VAL C 34 15.20 8.28 -12.69
N PHE C 35 15.03 9.32 -11.89
CA PHE C 35 16.06 9.69 -10.92
C PHE C 35 15.84 8.93 -9.62
N ILE C 36 14.69 9.15 -8.99
CA ILE C 36 14.35 8.47 -7.75
C ILE C 36 13.03 7.70 -7.91
N PRO C 37 13.09 6.37 -7.88
CA PRO C 37 11.89 5.54 -7.99
C PRO C 37 10.93 5.81 -6.85
N HIS C 38 9.63 5.78 -7.13
CA HIS C 38 8.60 6.10 -6.15
C HIS C 38 8.71 5.24 -4.89
N GLY C 39 9.05 3.97 -5.07
CA GLY C 39 9.19 3.06 -3.95
C GLY C 39 10.36 3.40 -3.05
N LEU C 40 11.43 3.92 -3.66
CA LEU C 40 12.60 4.36 -2.89
C LEU C 40 12.18 5.53 -2.01
N ILE C 41 11.34 6.40 -2.55
CA ILE C 41 10.84 7.56 -1.82
C ILE C 41 10.04 7.12 -0.59
N MET C 42 9.18 6.14 -0.77
CA MET C 42 8.34 5.63 0.33
C MET C 42 9.18 5.06 1.47
N ASP C 43 10.16 4.24 1.11
CA ASP C 43 11.05 3.62 2.10
C ASP C 43 11.78 4.68 2.92
N ARG C 44 12.36 5.66 2.23
CA ARG C 44 13.03 6.77 2.89
C ARG C 44 12.06 7.53 3.78
N THR C 45 10.83 7.70 3.28
CA THR C 45 9.78 8.42 4.00
C THR C 45 9.35 7.67 5.26
N GLU C 46 9.37 6.34 5.22
CA GLU C 46 9.02 5.53 6.38
C GLU C 46 10.00 5.81 7.53
N ARG C 47 11.29 5.80 7.23
CA ARG C 47 12.31 6.11 8.22
C ARG C 47 12.18 7.56 8.69
N LEU C 48 11.86 8.46 7.76
CA LEU C 48 11.71 9.87 8.10
C LEU C 48 10.59 10.07 9.11
N ALA C 49 9.51 9.32 8.96
CA ALA C 49 8.37 9.40 9.86
C ALA C 49 8.76 9.01 11.28
N ARG C 50 9.59 7.98 11.40
CA ARG C 50 10.03 7.49 12.69
C ARG C 50 10.90 8.55 13.36
N ASP C 51 11.79 9.16 12.59
CA ASP C 51 12.66 10.21 13.09
C ASP C 51 11.84 11.39 13.63
N VAL C 52 10.84 11.81 12.85
CA VAL C 52 9.96 12.90 13.24
C VAL C 52 9.28 12.66 14.59
N MET C 53 8.67 11.49 14.75
CA MET C 53 7.98 11.15 15.99
C MET C 53 8.94 11.03 17.16
N LYS C 54 10.16 10.59 16.85
CA LYS C 54 11.20 10.46 17.85
C LYS C 54 11.59 11.83 18.40
N GLU C 55 11.46 12.85 17.56
CA GLU C 55 11.91 14.19 17.90
C GLU C 55 10.76 15.15 18.23
N MET C 56 9.61 14.93 17.62
CA MET C 56 8.48 15.84 17.78
C MET C 56 7.26 15.19 18.44
N GLY C 57 7.39 13.93 18.82
CA GLY C 57 6.27 13.19 19.40
C GLY C 57 5.92 13.62 20.81
N GLY C 58 6.70 14.54 21.37
CA GLY C 58 6.50 15.00 22.74
C GLY C 58 5.18 15.69 22.99
N HIS C 59 4.80 16.61 22.10
CA HIS C 59 3.58 17.38 22.27
C HIS C 59 2.79 17.47 20.95
N HIS C 60 1.57 17.99 21.04
CA HIS C 60 0.69 18.21 19.89
C HIS C 60 1.44 18.75 18.67
N ILE C 61 1.30 18.05 17.55
CA ILE C 61 2.00 18.41 16.33
C ILE C 61 1.08 19.10 15.31
N VAL C 62 1.53 20.23 14.77
CA VAL C 62 0.83 20.86 13.66
C VAL C 62 1.63 20.63 12.38
N ALA C 63 1.10 19.78 11.50
CA ALA C 63 1.74 19.49 10.23
C ALA C 63 1.37 20.55 9.20
N LEU C 64 2.37 21.21 8.64
CA LEU C 64 2.16 22.33 7.73
C LEU C 64 2.65 21.98 6.32
N CYS C 65 1.71 21.83 5.39
CA CYS C 65 2.04 21.42 4.03
C CYS C 65 2.22 22.62 3.11
N VAL C 66 3.36 22.66 2.42
CA VAL C 66 3.64 23.74 1.48
C VAL C 66 3.16 23.39 0.07
N LEU C 67 1.98 23.88 -0.29
CA LEU C 67 1.42 23.66 -1.62
C LEU C 67 2.23 24.43 -2.67
N LYS C 68 2.30 23.90 -3.89
CA LYS C 68 1.63 22.66 -4.28
C LYS C 68 2.53 21.45 -4.17
N GLY C 69 3.82 21.64 -4.45
CA GLY C 69 4.75 20.55 -4.62
C GLY C 69 4.90 19.54 -3.50
N GLY C 70 4.48 19.92 -2.30
CA GLY C 70 4.69 19.08 -1.13
C GLY C 70 3.56 18.16 -0.75
N TYR C 71 2.48 18.16 -1.54
CA TYR C 71 1.27 17.42 -1.16
C TYR C 71 1.46 15.90 -1.13
N LYS C 72 2.19 15.36 -2.10
CA LYS C 72 2.46 13.92 -2.14
C LYS C 72 3.32 13.49 -0.95
N PHE C 73 4.39 14.25 -0.72
CA PHE C 73 5.30 13.98 0.39
C PHE C 73 4.56 14.11 1.72
N PHE C 74 3.76 15.16 1.84
CA PHE C 74 2.96 15.43 3.02
C PHE C 74 2.01 14.27 3.34
N ALA C 75 1.23 13.86 2.34
CA ALA C 75 0.25 12.80 2.52
C ALA C 75 0.94 11.49 2.89
N ASP C 76 2.05 11.20 2.21
CA ASP C 76 2.77 9.96 2.47
C ASP C 76 3.48 9.98 3.82
N LEU C 77 4.09 11.12 4.15
CA LEU C 77 4.77 11.26 5.43
C LEU C 77 3.79 11.10 6.57
N LEU C 78 2.63 11.75 6.46
CA LEU C 78 1.62 11.68 7.50
C LEU C 78 0.95 10.31 7.60
N ASP C 79 0.86 9.60 6.48
CA ASP C 79 0.33 8.24 6.50
C ASP C 79 1.23 7.34 7.34
N TYR C 80 2.53 7.44 7.15
CA TYR C 80 3.48 6.63 7.91
C TYR C 80 3.47 7.00 9.38
N ILE C 81 3.31 8.29 9.66
CA ILE C 81 3.23 8.76 11.04
C ILE C 81 1.99 8.19 11.73
N LYS C 82 0.86 8.23 11.03
CA LYS C 82 -0.38 7.63 11.54
C LYS C 82 -0.24 6.13 11.79
N ALA C 83 0.53 5.46 10.95
CA ALA C 83 0.78 4.02 11.11
C ALA C 83 1.48 3.73 12.43
N LEU C 84 2.38 4.63 12.81
CA LEU C 84 3.09 4.52 14.08
C LEU C 84 2.14 4.78 15.24
N ASN C 85 1.32 5.83 15.10
CA ASN C 85 0.43 6.28 16.16
C ASN C 85 -0.64 5.26 16.57
N ARG C 86 -1.02 4.38 15.64
CA ARG C 86 -2.04 3.38 15.94
C ARG C 86 -1.46 2.01 16.21
N ASN C 87 -0.13 1.92 16.27
CA ASN C 87 0.55 0.66 16.53
C ASN C 87 1.48 0.71 17.73
N SER C 88 1.50 1.86 18.41
CA SER C 88 2.32 2.03 19.60
C SER C 88 1.45 2.31 20.82
N ASP C 89 2.06 2.36 22.00
CA ASP C 89 1.34 2.66 23.22
C ASP C 89 1.27 4.17 23.42
N ARG C 90 2.28 4.87 22.92
CA ARG C 90 2.33 6.32 22.99
C ARG C 90 2.05 6.94 21.62
N SER C 91 1.04 7.81 21.56
CA SER C 91 0.74 8.53 20.34
C SER C 91 0.40 9.98 20.66
N ILE C 92 0.59 10.87 19.69
CA ILE C 92 0.29 12.28 19.91
C ILE C 92 -0.66 12.81 18.83
N PRO C 93 -1.67 13.58 19.25
CA PRO C 93 -2.58 14.24 18.31
C PRO C 93 -1.86 15.10 17.29
N MET C 94 -2.43 15.21 16.09
CA MET C 94 -1.81 15.96 15.01
C MET C 94 -2.90 16.68 14.23
N THR C 95 -2.73 17.98 14.07
CA THR C 95 -3.62 18.76 13.23
C THR C 95 -2.88 19.15 11.97
N VAL C 96 -3.61 19.41 10.88
CA VAL C 96 -2.97 19.71 9.61
C VAL C 96 -3.34 21.09 9.07
N ASP C 97 -2.43 21.68 8.30
CA ASP C 97 -2.66 22.98 7.70
C ASP C 97 -2.00 23.05 6.33
N PHE C 98 -2.51 23.93 5.48
CA PHE C 98 -2.01 24.07 4.12
C PHE C 98 -1.70 25.52 3.80
N ILE C 99 -0.51 25.77 3.27
CA ILE C 99 -0.11 27.12 2.89
C ILE C 99 0.56 27.15 1.53
N ARG C 100 0.66 28.34 0.95
CA ARG C 100 1.44 28.54 -0.27
C ARG C 100 1.86 30.01 -0.35
N LEU C 101 3.10 30.26 -0.74
CA LEU C 101 4.06 29.20 -1.02
C LEU C 101 5.32 29.40 -0.19
N LYS C 114 4.91 36.15 0.61
CA LYS C 114 3.94 36.11 1.70
C LYS C 114 3.23 34.76 1.77
N VAL C 115 2.54 34.51 2.88
CA VAL C 115 1.82 33.27 3.07
C VAL C 115 0.35 33.41 2.63
N ILE C 116 0.06 32.89 1.44
CA ILE C 116 -1.29 32.95 0.88
C ILE C 116 -2.11 31.74 1.30
N GLY C 117 -3.31 31.98 1.81
CA GLY C 117 -4.16 30.90 2.28
C GLY C 117 -3.68 30.35 3.61
N GLY C 118 -4.51 29.50 4.21
CA GLY C 118 -4.17 28.89 5.49
C GLY C 118 -4.78 29.62 6.67
N ASP C 119 -4.72 28.97 7.84
CA ASP C 119 -5.28 29.55 9.05
C ASP C 119 -4.37 30.63 9.62
N ASP C 120 -4.90 31.41 10.56
CA ASP C 120 -4.11 32.43 11.23
C ASP C 120 -2.96 31.74 11.97
N LEU C 121 -1.74 32.20 11.72
CA LEU C 121 -0.55 31.56 12.25
C LEU C 121 -0.44 31.66 13.77
N SER C 122 -1.43 32.30 14.40
CA SER C 122 -1.50 32.37 15.85
C SER C 122 -1.82 30.99 16.43
N THR C 123 -2.43 30.15 15.60
CA THR C 123 -2.78 28.80 16.03
C THR C 123 -1.55 27.91 16.10
N LEU C 124 -0.41 28.45 15.65
CA LEU C 124 0.87 27.75 15.73
C LEU C 124 1.54 27.98 17.08
N THR C 125 0.99 28.92 17.85
CA THR C 125 1.55 29.28 19.15
C THR C 125 1.48 28.14 20.15
N GLY C 126 2.64 27.68 20.60
CA GLY C 126 2.72 26.67 21.63
C GLY C 126 2.78 25.23 21.15
N LYS C 127 2.61 25.04 19.84
CA LYS C 127 2.59 23.68 19.29
C LYS C 127 3.92 23.28 18.67
N ASN C 128 4.08 21.99 18.43
CA ASN C 128 5.22 21.48 17.67
C ASN C 128 4.93 21.56 16.18
N VAL C 129 5.46 22.58 15.53
CA VAL C 129 5.18 22.81 14.12
C VAL C 129 6.15 22.05 13.23
N LEU C 130 5.61 21.31 12.28
CA LEU C 130 6.40 20.54 11.32
C LEU C 130 6.07 21.02 9.92
N ILE C 131 7.05 21.64 9.26
CA ILE C 131 6.84 22.15 7.90
C ILE C 131 7.30 21.13 6.88
N VAL C 132 6.42 20.79 5.94
CA VAL C 132 6.71 19.80 4.92
C VAL C 132 6.85 20.45 3.55
N GLU C 133 8.03 20.32 2.96
CA GLU C 133 8.32 20.94 1.67
C GLU C 133 8.84 19.88 0.70
N ASP C 134 8.65 20.12 -0.59
CA ASP C 134 9.14 19.20 -1.61
C ASP C 134 10.66 19.34 -1.81
N ILE C 135 11.14 20.57 -1.99
CA ILE C 135 12.53 20.78 -2.36
C ILE C 135 13.12 22.08 -1.81
N ILE C 136 14.38 22.00 -1.35
CA ILE C 136 15.14 23.18 -0.95
C ILE C 136 16.23 23.47 -1.99
N ASP C 137 16.22 24.67 -2.53
CA ASP C 137 17.22 25.06 -3.53
C ASP C 137 18.15 26.14 -2.95
N THR C 138 17.77 27.40 -3.10
CA THR C 138 18.56 28.49 -2.54
C THR C 138 18.40 28.51 -1.02
N GLY C 139 17.27 28.01 -0.54
CA GLY C 139 16.99 27.98 0.88
C GLY C 139 16.21 29.21 1.33
N LYS C 140 15.96 30.11 0.39
CA LYS C 140 15.31 31.38 0.68
C LYS C 140 13.86 31.20 1.12
N THR C 141 13.11 30.40 0.37
CA THR C 141 11.70 30.15 0.66
C THR C 141 11.51 29.65 2.09
N MET C 142 12.41 28.80 2.54
CA MET C 142 12.27 28.17 3.85
C MET C 142 12.74 29.09 4.99
N GLN C 143 13.84 29.79 4.77
CA GLN C 143 14.36 30.72 5.78
C GLN C 143 13.36 31.82 6.10
N THR C 144 12.67 32.29 5.07
CA THR C 144 11.63 33.31 5.24
C THR C 144 10.50 32.76 6.11
N LEU C 145 9.92 31.64 5.66
CA LEU C 145 8.81 31.00 6.35
C LEU C 145 9.16 30.65 7.79
N LEU C 146 10.40 30.23 8.01
CA LEU C 146 10.87 29.90 9.35
C LEU C 146 10.87 31.14 10.26
N SER C 147 11.47 32.22 9.78
CA SER C 147 11.53 33.48 10.52
C SER C 147 10.12 33.97 10.83
N LEU C 148 9.22 33.82 9.87
CA LEU C 148 7.82 34.22 10.06
C LEU C 148 7.12 33.37 11.11
N VAL C 149 7.24 32.04 10.99
CA VAL C 149 6.61 31.13 11.94
C VAL C 149 7.15 31.30 13.36
N ARG C 150 8.45 31.53 13.47
CA ARG C 150 9.10 31.72 14.77
C ARG C 150 8.52 32.90 15.54
N GLN C 151 7.87 33.82 14.83
CA GLN C 151 7.30 35.01 15.46
C GLN C 151 6.10 34.68 16.36
N TYR C 152 5.42 33.58 16.05
CA TYR C 152 4.24 33.18 16.80
C TYR C 152 4.59 32.27 17.98
N ASN C 153 5.87 32.22 18.31
CA ASN C 153 6.37 31.49 19.47
C ASN C 153 5.85 30.06 19.67
N PRO C 154 6.13 29.16 18.73
CA PRO C 154 5.75 27.76 18.94
C PRO C 154 6.82 27.07 19.77
N LYS C 155 6.46 25.98 20.44
CA LYS C 155 7.42 25.22 21.23
C LYS C 155 8.57 24.72 20.36
N MET C 156 8.27 24.43 19.11
CA MET C 156 9.25 23.86 18.20
C MET C 156 8.85 24.08 16.74
N VAL C 157 9.82 24.40 15.90
CA VAL C 157 9.62 24.40 14.46
C VAL C 157 10.69 23.55 13.81
N LYS C 158 10.24 22.56 13.03
CA LYS C 158 11.16 21.70 12.31
C LYS C 158 10.74 21.62 10.85
N VAL C 159 11.71 21.44 9.97
CA VAL C 159 11.42 21.35 8.54
C VAL C 159 11.74 19.97 7.98
N ALA C 160 10.75 19.34 7.39
CA ALA C 160 10.95 18.12 6.63
C ALA C 160 10.89 18.46 5.15
N SER C 161 11.94 18.12 4.43
CA SER C 161 11.98 18.37 2.99
C SER C 161 12.38 17.09 2.26
N LEU C 162 11.65 16.77 1.21
CA LEU C 162 11.93 15.57 0.45
C LEU C 162 13.31 15.63 -0.20
N LEU C 163 13.57 16.73 -0.90
CA LEU C 163 14.83 16.91 -1.61
C LEU C 163 15.59 18.13 -1.10
N VAL C 164 16.92 18.05 -1.16
CA VAL C 164 17.78 19.19 -0.93
C VAL C 164 18.84 19.22 -2.02
N LYS C 165 18.96 20.34 -2.70
CA LYS C 165 19.92 20.48 -3.80
C LYS C 165 21.29 20.92 -3.32
N ARG C 166 22.33 20.32 -3.89
CA ARG C 166 23.68 20.83 -3.75
C ARG C 166 23.91 21.85 -4.86
N THR C 167 23.75 23.13 -4.53
CA THR C 167 23.87 24.19 -5.52
C THR C 167 24.79 25.30 -5.01
N PRO C 168 25.53 25.94 -5.92
CA PRO C 168 26.37 27.08 -5.54
C PRO C 168 25.52 28.25 -5.04
N ARG C 169 24.31 28.36 -5.55
CA ARG C 169 23.41 29.45 -5.17
C ARG C 169 22.94 29.32 -3.73
N SER C 170 23.22 28.18 -3.11
CA SER C 170 22.75 27.88 -1.76
C SER C 170 23.20 28.89 -0.72
N VAL C 171 22.24 29.47 -0.01
CA VAL C 171 22.51 30.34 1.13
C VAL C 171 23.22 29.54 2.21
N GLY C 172 22.70 28.36 2.50
CA GLY C 172 23.32 27.47 3.46
C GLY C 172 22.36 26.87 4.47
N TYR C 173 21.07 26.96 4.20
CA TYR C 173 20.08 26.40 5.12
C TYR C 173 20.02 24.87 5.04
N LYS C 174 19.96 24.23 6.20
CA LYS C 174 19.80 22.78 6.28
C LYS C 174 18.55 22.43 7.07
N PRO C 175 17.61 21.74 6.43
CA PRO C 175 16.38 21.30 7.12
C PRO C 175 16.66 20.22 8.16
N ASP C 176 15.69 19.98 9.03
CA ASP C 176 15.87 19.03 10.13
C ASP C 176 15.67 17.60 9.67
N PHE C 177 14.88 17.41 8.62
CA PHE C 177 14.65 16.10 8.05
C PHE C 177 14.80 16.14 6.53
N VAL C 178 15.66 15.28 6.00
CA VAL C 178 15.91 15.25 4.57
C VAL C 178 15.71 13.86 4.01
N GLY C 179 14.95 13.76 2.92
CA GLY C 179 14.80 12.51 2.22
C GLY C 179 16.00 12.20 1.35
N PHE C 180 16.30 13.10 0.42
CA PHE C 180 17.36 12.89 -0.55
C PHE C 180 18.17 14.16 -0.81
N GLU C 181 19.48 14.00 -0.96
CA GLU C 181 20.34 15.09 -1.39
C GLU C 181 20.72 14.87 -2.86
N ILE C 182 20.38 15.82 -3.72
CA ILE C 182 20.47 15.61 -5.17
C ILE C 182 21.37 16.63 -5.87
N PRO C 183 21.88 16.27 -7.06
CA PRO C 183 22.71 17.19 -7.86
C PRO C 183 21.97 18.44 -8.31
N ASP C 184 22.66 19.32 -9.02
CA ASP C 184 22.06 20.57 -9.49
C ASP C 184 21.37 20.37 -10.85
N LYS C 185 20.47 19.40 -10.90
CA LYS C 185 19.65 19.18 -12.09
C LYS C 185 18.20 19.52 -11.74
N PHE C 186 17.40 19.81 -12.76
CA PHE C 186 15.99 20.10 -12.53
C PHE C 186 15.15 18.82 -12.61
N VAL C 187 14.59 18.41 -11.48
CA VAL C 187 13.80 17.19 -11.42
C VAL C 187 12.31 17.47 -11.36
N VAL C 188 11.52 16.46 -11.72
CA VAL C 188 10.06 16.56 -11.68
C VAL C 188 9.48 15.25 -11.15
N GLY C 189 8.19 15.25 -10.84
CA GLY C 189 7.53 14.05 -10.38
C GLY C 189 7.28 14.06 -8.88
N TYR C 190 6.46 13.11 -8.42
CA TYR C 190 6.06 13.04 -7.01
C TYR C 190 5.57 14.41 -6.54
N ALA C 191 4.67 15.00 -7.32
CA ALA C 191 4.08 16.33 -7.09
C ALA C 191 4.98 17.52 -7.43
N LEU C 192 6.23 17.27 -7.79
CA LEU C 192 7.10 18.34 -8.26
C LEU C 192 6.83 18.63 -9.74
N ASP C 193 6.65 19.91 -10.07
CA ASP C 193 6.18 20.27 -11.40
C ASP C 193 7.21 20.98 -12.28
N TYR C 194 6.95 20.94 -13.57
CA TYR C 194 7.58 21.83 -14.53
C TYR C 194 6.44 22.57 -15.23
N ASN C 195 6.16 23.79 -14.77
CA ASN C 195 5.01 24.56 -15.24
C ASN C 195 3.70 23.78 -15.10
N GLU C 196 3.45 23.30 -13.87
CA GLU C 196 2.22 22.59 -13.49
C GLU C 196 2.09 21.18 -14.07
N TYR C 197 3.02 20.79 -14.94
CA TYR C 197 3.02 19.43 -15.47
C TYR C 197 3.95 18.52 -14.67
N PHE C 198 3.76 17.21 -14.83
CA PHE C 198 4.55 16.17 -14.16
C PHE C 198 4.25 15.96 -12.68
N ARG C 199 3.27 16.70 -12.15
CA ARG C 199 2.83 16.45 -10.78
C ARG C 199 2.15 15.10 -10.67
N ASP C 200 1.52 14.68 -11.77
CA ASP C 200 0.84 13.40 -11.84
C ASP C 200 1.80 12.28 -12.22
N LEU C 201 3.02 12.36 -11.69
CA LEU C 201 4.05 11.37 -11.97
C LEU C 201 4.53 10.78 -10.66
N ASN C 202 4.60 9.45 -10.59
CA ASN C 202 4.95 8.77 -9.35
C ASN C 202 6.43 8.87 -9.00
N HIS C 203 7.29 8.75 -10.01
CA HIS C 203 8.73 8.78 -9.80
C HIS C 203 9.30 10.19 -9.92
N VAL C 204 10.40 10.45 -9.23
CA VAL C 204 11.17 11.66 -9.45
C VAL C 204 12.08 11.42 -10.64
N CYS C 205 12.01 12.28 -11.65
CA CYS C 205 12.74 12.07 -12.89
C CYS C 205 13.31 13.36 -13.47
N VAL C 206 14.12 13.21 -14.51
CA VAL C 206 14.69 14.35 -15.21
C VAL C 206 13.91 14.55 -16.51
N ILE C 207 13.77 15.81 -16.94
CA ILE C 207 13.01 16.13 -18.14
C ILE C 207 13.86 15.97 -19.39
N SER C 208 13.30 15.35 -20.42
CA SER C 208 13.96 15.33 -21.72
C SER C 208 13.83 16.71 -22.33
N GLU C 209 14.75 17.07 -23.22
CA GLU C 209 14.73 18.38 -23.85
C GLU C 209 13.47 18.57 -24.70
N THR C 210 12.97 17.48 -25.26
CA THR C 210 11.74 17.52 -26.05
C THR C 210 10.56 17.90 -25.15
N GLY C 211 10.55 17.34 -23.94
CA GLY C 211 9.51 17.64 -22.97
C GLY C 211 9.63 19.04 -22.41
N LYS C 212 10.88 19.45 -22.15
CA LYS C 212 11.15 20.79 -21.63
C LYS C 212 10.69 21.86 -22.59
N ALA C 213 10.74 21.55 -23.88
CA ALA C 213 10.32 22.49 -24.91
C ALA C 213 8.81 22.46 -25.13
N LYS C 214 8.20 21.29 -24.91
CA LYS C 214 6.77 21.13 -25.12
C LYS C 214 5.94 21.86 -24.06
N TYR C 215 6.42 21.84 -22.83
CA TYR C 215 5.67 22.43 -21.72
C TYR C 215 6.29 23.73 -21.22
N LYS C 216 7.13 24.34 -22.04
CA LYS C 216 7.75 25.61 -21.69
C LYS C 216 6.69 26.70 -21.50
N ALA C 217 6.99 27.68 -20.66
CA ALA C 217 6.06 28.77 -20.39
C ALA C 217 6.48 30.05 -21.11
N SER D 4 15.38 -7.16 -22.61
CA SER D 4 15.62 -6.51 -21.33
C SER D 4 16.35 -7.42 -20.36
N PRO D 5 17.58 -7.05 -19.98
CA PRO D 5 18.40 -7.81 -19.04
C PRO D 5 18.11 -7.41 -17.59
N GLY D 6 17.00 -6.73 -17.37
CA GLY D 6 16.63 -6.28 -16.05
C GLY D 6 17.45 -5.09 -15.58
N VAL D 7 17.19 -4.62 -14.36
CA VAL D 7 17.96 -3.54 -13.77
C VAL D 7 19.34 -4.05 -13.41
N VAL D 8 20.38 -3.34 -13.87
CA VAL D 8 21.75 -3.78 -13.65
C VAL D 8 22.41 -3.07 -12.48
N ILE D 9 22.74 -3.85 -11.45
CA ILE D 9 23.47 -3.32 -10.30
C ILE D 9 24.96 -3.61 -10.47
N SER D 10 25.75 -2.55 -10.56
CA SER D 10 27.19 -2.68 -10.81
C SER D 10 27.93 -3.29 -9.62
N ASP D 11 29.15 -3.76 -9.88
CA ASP D 11 29.94 -4.43 -8.85
C ASP D 11 30.37 -3.47 -7.75
N ASP D 12 30.57 -2.21 -8.12
CA ASP D 12 31.02 -1.19 -7.18
C ASP D 12 29.87 -0.56 -6.41
N GLU D 13 28.70 -1.19 -6.48
CA GLU D 13 27.52 -0.68 -5.79
C GLU D 13 27.74 -0.69 -4.28
N PRO D 14 27.78 0.51 -3.68
CA PRO D 14 28.02 0.66 -2.24
C PRO D 14 26.80 0.26 -1.42
N GLY D 15 25.65 0.15 -2.09
CA GLY D 15 24.40 -0.11 -1.41
C GLY D 15 24.00 1.11 -0.59
N TYR D 16 23.17 0.91 0.43
CA TYR D 16 22.72 2.01 1.25
C TYR D 16 23.07 1.80 2.72
N ASP D 17 23.31 2.90 3.42
CA ASP D 17 23.55 2.86 4.85
C ASP D 17 22.26 2.49 5.59
N LEU D 18 22.37 1.58 6.55
CA LEU D 18 21.21 1.07 7.28
C LEU D 18 20.41 2.16 7.99
N ASP D 19 21.10 3.22 8.40
CA ASP D 19 20.48 4.29 9.17
C ASP D 19 19.53 5.12 8.32
N LEU D 20 19.60 4.96 7.00
CA LEU D 20 18.76 5.70 6.08
C LEU D 20 17.38 5.04 5.94
N PHE D 21 17.22 3.88 6.55
CA PHE D 21 15.98 3.11 6.40
C PHE D 21 15.49 2.50 7.71
N CYS D 22 14.25 2.04 7.69
CA CYS D 22 13.69 1.30 8.81
C CYS D 22 14.05 -0.18 8.70
N ILE D 23 14.78 -0.68 9.70
CA ILE D 23 15.19 -2.08 9.70
C ILE D 23 14.85 -2.75 11.03
N PRO D 24 14.51 -4.05 11.01
CA PRO D 24 14.18 -4.82 12.21
C PRO D 24 15.31 -4.79 13.25
N ASN D 25 14.95 -4.69 14.52
CA ASN D 25 15.93 -4.63 15.60
C ASN D 25 16.82 -5.86 15.65
N HIS D 26 16.23 -7.04 15.50
CA HIS D 26 16.96 -8.29 15.64
C HIS D 26 18.00 -8.51 14.54
N TYR D 27 18.01 -7.63 13.54
CA TYR D 27 18.98 -7.73 12.45
C TYR D 27 19.88 -6.50 12.37
N ALA D 28 19.84 -5.67 13.40
CA ALA D 28 20.56 -4.39 13.40
C ALA D 28 22.07 -4.50 13.19
N GLU D 29 22.67 -5.56 13.72
CA GLU D 29 24.11 -5.76 13.56
C GLU D 29 24.42 -6.91 12.60
N ASP D 30 23.37 -7.56 12.12
CA ASP D 30 23.54 -8.71 11.23
C ASP D 30 23.59 -8.28 9.77
N LEU D 31 23.47 -6.99 9.53
CA LEU D 31 23.40 -6.46 8.17
C LEU D 31 24.49 -5.43 7.90
N GLU D 32 25.03 -5.44 6.69
CA GLU D 32 26.07 -4.51 6.31
C GLU D 32 25.50 -3.28 5.61
N ARG D 33 24.81 -3.51 4.50
CA ARG D 33 24.21 -2.41 3.72
C ARG D 33 22.87 -2.86 3.14
N VAL D 34 21.93 -1.93 3.01
CA VAL D 34 20.73 -2.18 2.22
C VAL D 34 21.13 -2.16 0.76
N PHE D 35 20.87 -3.25 0.05
CA PHE D 35 21.31 -3.38 -1.33
C PHE D 35 20.22 -2.97 -2.32
N ILE D 36 19.04 -3.56 -2.17
CA ILE D 36 17.90 -3.20 -3.00
C ILE D 36 16.68 -2.91 -2.14
N PRO D 37 16.33 -1.61 -2.00
CA PRO D 37 15.16 -1.17 -1.23
C PRO D 37 13.88 -1.89 -1.66
N HIS D 38 13.01 -2.17 -0.69
CA HIS D 38 11.75 -2.87 -0.94
C HIS D 38 10.92 -2.15 -1.99
N GLY D 39 10.83 -0.83 -1.86
CA GLY D 39 10.06 -0.03 -2.78
C GLY D 39 10.56 -0.09 -4.21
N LEU D 40 11.89 -0.14 -4.36
CA LEU D 40 12.50 -0.29 -5.68
C LEU D 40 12.06 -1.63 -6.28
N ILE D 41 12.00 -2.65 -5.44
CA ILE D 41 11.59 -3.98 -5.87
C ILE D 41 10.14 -3.98 -6.36
N MET D 42 9.28 -3.26 -5.65
CA MET D 42 7.88 -3.15 -6.03
C MET D 42 7.72 -2.45 -7.37
N ASP D 43 8.48 -1.38 -7.58
CA ASP D 43 8.41 -0.62 -8.82
C ASP D 43 8.89 -1.42 -10.01
N ARG D 44 9.97 -2.18 -9.82
CA ARG D 44 10.49 -3.05 -10.87
C ARG D 44 9.52 -4.19 -11.15
N THR D 45 8.91 -4.71 -10.09
CA THR D 45 7.94 -5.80 -10.21
C THR D 45 6.69 -5.36 -10.96
N GLU D 46 6.24 -4.13 -10.71
CA GLU D 46 5.07 -3.58 -11.39
C GLU D 46 5.27 -3.57 -12.90
N ARG D 47 6.44 -3.10 -13.33
CA ARG D 47 6.78 -3.06 -14.75
C ARG D 47 6.98 -4.47 -15.30
N LEU D 48 7.45 -5.37 -14.43
CA LEU D 48 7.66 -6.76 -14.80
C LEU D 48 6.32 -7.44 -15.08
N ALA D 49 5.30 -7.02 -14.35
CA ALA D 49 3.97 -7.58 -14.52
C ALA D 49 3.38 -7.25 -15.89
N ARG D 50 3.59 -6.02 -16.35
CA ARG D 50 3.06 -5.60 -17.64
C ARG D 50 3.85 -6.27 -18.78
N ASP D 51 5.09 -6.63 -18.50
CA ASP D 51 5.90 -7.37 -19.46
C ASP D 51 5.37 -8.80 -19.61
N VAL D 52 5.00 -9.39 -18.48
CA VAL D 52 4.43 -10.74 -18.46
C VAL D 52 3.09 -10.77 -19.19
N MET D 53 2.24 -9.78 -18.89
CA MET D 53 0.93 -9.68 -19.53
C MET D 53 1.04 -9.41 -21.03
N LYS D 54 2.11 -8.72 -21.42
CA LYS D 54 2.34 -8.42 -22.83
C LYS D 54 2.64 -9.71 -23.58
N GLU D 55 3.31 -10.64 -22.89
CA GLU D 55 3.83 -11.84 -23.52
C GLU D 55 2.95 -13.06 -23.30
N MET D 56 2.31 -13.14 -22.13
CA MET D 56 1.53 -14.32 -21.77
C MET D 56 0.06 -13.99 -21.49
N GLY D 57 -0.29 -12.71 -21.58
CA GLY D 57 -1.62 -12.26 -21.20
C GLY D 57 -2.71 -12.47 -22.23
N GLY D 58 -2.50 -13.41 -23.13
CA GLY D 58 -3.52 -13.74 -24.12
C GLY D 58 -4.16 -15.08 -23.80
N HIS D 59 -3.60 -15.78 -22.82
CA HIS D 59 -4.05 -17.12 -22.49
C HIS D 59 -4.08 -17.36 -20.97
N HIS D 60 -4.72 -18.47 -20.57
CA HIS D 60 -4.80 -18.85 -19.16
C HIS D 60 -3.42 -19.20 -18.61
N ILE D 61 -3.01 -18.48 -17.58
CA ILE D 61 -1.68 -18.66 -17.00
C ILE D 61 -1.74 -19.48 -15.71
N VAL D 62 -0.77 -20.37 -15.53
CA VAL D 62 -0.58 -21.01 -14.23
C VAL D 62 0.73 -20.53 -13.62
N ALA D 63 0.62 -19.65 -12.63
CA ALA D 63 1.81 -19.15 -11.94
C ALA D 63 2.31 -20.17 -10.93
N LEU D 64 3.53 -20.66 -11.14
CA LEU D 64 4.13 -21.65 -10.24
C LEU D 64 5.13 -21.01 -9.29
N CYS D 65 4.78 -20.96 -8.01
CA CYS D 65 5.66 -20.38 -7.00
C CYS D 65 6.74 -21.36 -6.56
N VAL D 66 7.99 -20.89 -6.54
CA VAL D 66 9.09 -21.72 -6.09
C VAL D 66 9.47 -21.39 -4.64
N LEU D 67 9.06 -22.26 -3.72
CA LEU D 67 9.28 -22.08 -2.29
C LEU D 67 10.74 -22.42 -1.92
N LYS D 68 11.27 -21.77 -0.88
CA LYS D 68 10.56 -20.76 -0.10
C LYS D 68 10.90 -19.35 -0.58
N GLY D 69 12.12 -19.19 -1.09
CA GLY D 69 12.67 -17.89 -1.41
C GLY D 69 11.81 -16.99 -2.29
N GLY D 70 11.01 -17.61 -3.15
CA GLY D 70 10.25 -16.84 -4.13
C GLY D 70 8.86 -16.40 -3.70
N TYR D 71 8.45 -16.75 -2.48
CA TYR D 71 7.08 -16.50 -2.03
C TYR D 71 6.67 -15.03 -2.00
N LYS D 72 7.58 -14.16 -1.56
CA LYS D 72 7.28 -12.74 -1.44
C LYS D 72 7.19 -12.08 -2.81
N PHE D 73 8.12 -12.44 -3.68
CA PHE D 73 8.14 -11.94 -5.05
C PHE D 73 6.95 -12.48 -5.84
N PHE D 74 6.57 -13.72 -5.55
CA PHE D 74 5.44 -14.37 -6.20
C PHE D 74 4.14 -13.66 -5.85
N ALA D 75 3.95 -13.39 -4.57
CA ALA D 75 2.74 -12.73 -4.08
C ALA D 75 2.58 -11.33 -4.70
N ASP D 76 3.66 -10.55 -4.68
CA ASP D 76 3.61 -9.19 -5.21
C ASP D 76 3.43 -9.15 -6.71
N LEU D 77 4.17 -9.99 -7.44
CA LEU D 77 4.04 -10.05 -8.90
C LEU D 77 2.62 -10.42 -9.30
N LEU D 78 2.03 -11.34 -8.56
CA LEU D 78 0.66 -11.76 -8.82
C LEU D 78 -0.35 -10.66 -8.54
N ASP D 79 -0.11 -9.89 -7.48
CA ASP D 79 -0.99 -8.77 -7.15
C ASP D 79 -1.02 -7.74 -8.27
N TYR D 80 0.13 -7.49 -8.87
CA TYR D 80 0.21 -6.54 -9.98
C TYR D 80 -0.43 -7.09 -11.26
N ILE D 81 -0.26 -8.39 -11.52
CA ILE D 81 -0.90 -9.03 -12.66
C ILE D 81 -2.41 -9.04 -12.47
N LYS D 82 -2.85 -9.38 -11.26
CA LYS D 82 -4.27 -9.36 -10.91
C LYS D 82 -4.86 -7.95 -11.04
N ALA D 83 -4.06 -6.94 -10.71
CA ALA D 83 -4.48 -5.55 -10.81
C ALA D 83 -4.66 -5.13 -12.26
N LEU D 84 -3.72 -5.56 -13.11
CA LEU D 84 -3.86 -5.36 -14.55
C LEU D 84 -5.07 -6.10 -15.06
N ASN D 85 -5.23 -7.33 -14.57
CA ASN D 85 -6.29 -8.22 -15.02
C ASN D 85 -7.70 -7.70 -14.73
N ARG D 86 -7.85 -6.92 -13.67
CA ARG D 86 -9.15 -6.36 -13.32
C ARG D 86 -9.27 -4.91 -13.73
N ASN D 87 -8.33 -4.44 -14.55
CA ASN D 87 -8.39 -3.11 -15.12
C ASN D 87 -8.33 -3.14 -16.64
N SER D 88 -7.91 -4.27 -17.19
CA SER D 88 -7.95 -4.48 -18.63
C SER D 88 -9.37 -4.84 -19.02
N ASP D 89 -9.58 -5.10 -20.31
CA ASP D 89 -10.90 -5.49 -20.80
C ASP D 89 -10.96 -6.99 -21.07
N ARG D 90 -9.80 -7.59 -21.29
CA ARG D 90 -9.71 -9.02 -21.58
C ARG D 90 -9.14 -9.77 -20.38
N SER D 91 -9.97 -9.92 -19.35
CA SER D 91 -9.52 -10.56 -18.11
C SER D 91 -9.26 -12.04 -18.31
N ILE D 92 -7.98 -12.41 -18.32
CA ILE D 92 -7.59 -13.81 -18.45
C ILE D 92 -7.33 -14.44 -17.09
N PRO D 93 -7.97 -15.59 -16.82
CA PRO D 93 -7.91 -16.24 -15.51
C PRO D 93 -6.53 -16.85 -15.24
N MET D 94 -6.20 -17.01 -13.96
CA MET D 94 -4.96 -17.67 -13.60
C MET D 94 -5.08 -18.49 -12.32
N THR D 95 -4.41 -19.63 -12.30
CA THR D 95 -4.40 -20.51 -11.14
C THR D 95 -3.03 -20.46 -10.48
N VAL D 96 -2.96 -20.87 -9.23
CA VAL D 96 -1.69 -20.85 -8.49
C VAL D 96 -1.23 -22.23 -8.08
N ASP D 97 0.05 -22.50 -8.27
CA ASP D 97 0.65 -23.75 -7.81
C ASP D 97 1.94 -23.48 -7.05
N PHE D 98 2.30 -24.42 -6.18
CA PHE D 98 3.48 -24.26 -5.35
C PHE D 98 4.41 -25.47 -5.45
N ILE D 99 5.71 -25.21 -5.44
CA ILE D 99 6.69 -26.28 -5.47
C ILE D 99 7.93 -25.90 -4.67
N ARG D 100 8.45 -26.85 -3.90
CA ARG D 100 9.66 -26.65 -3.14
C ARG D 100 10.79 -27.51 -3.69
N LEU D 101 11.91 -26.88 -4.03
CA LEU D 101 13.08 -27.60 -4.53
C LEU D 101 14.31 -27.30 -3.67
N VAL D 115 13.14 -32.17 -4.41
CA VAL D 115 11.77 -31.77 -4.71
C VAL D 115 10.82 -32.21 -3.60
N ILE D 116 10.47 -31.29 -2.72
CA ILE D 116 9.57 -31.59 -1.61
C ILE D 116 8.10 -31.44 -2.02
N GLY D 117 7.75 -30.26 -2.53
CA GLY D 117 6.39 -30.00 -2.96
C GLY D 117 6.19 -30.28 -4.44
N GLY D 118 4.94 -30.30 -4.88
CA GLY D 118 4.61 -30.56 -6.27
C GLY D 118 4.26 -32.01 -6.54
N LEU D 124 -1.77 -28.55 -15.36
CA LEU D 124 -0.57 -27.90 -15.85
C LEU D 124 -0.34 -28.24 -17.32
N THR D 125 -0.59 -29.49 -17.68
CA THR D 125 -0.45 -29.95 -19.06
C THR D 125 -1.39 -29.20 -19.99
N GLY D 126 -0.83 -28.64 -21.06
CA GLY D 126 -1.62 -27.87 -22.00
C GLY D 126 -2.06 -26.54 -21.43
N LYS D 127 -1.25 -26.00 -20.53
CA LYS D 127 -1.53 -24.69 -19.93
C LYS D 127 -0.30 -23.79 -20.04
N ASN D 128 -0.50 -22.48 -19.84
CA ASN D 128 0.61 -21.55 -19.76
C ASN D 128 1.19 -21.50 -18.35
N VAL D 129 2.48 -21.80 -18.24
CA VAL D 129 3.12 -21.82 -16.92
C VAL D 129 4.06 -20.64 -16.72
N LEU D 130 3.84 -19.90 -15.63
CA LEU D 130 4.75 -18.86 -15.22
C LEU D 130 5.50 -19.33 -13.98
N ILE D 131 6.77 -19.64 -14.14
CA ILE D 131 7.60 -20.03 -13.00
C ILE D 131 8.20 -18.79 -12.35
N VAL D 132 8.00 -18.67 -11.04
CA VAL D 132 8.44 -17.48 -10.31
C VAL D 132 9.50 -17.84 -9.27
N GLU D 133 10.71 -17.32 -9.46
CA GLU D 133 11.85 -17.66 -8.61
C GLU D 133 12.52 -16.42 -8.03
N ASP D 134 13.12 -16.57 -6.85
CA ASP D 134 13.81 -15.47 -6.20
C ASP D 134 15.14 -15.12 -6.87
N ILE D 135 15.95 -16.12 -7.20
CA ILE D 135 17.30 -15.85 -7.71
C ILE D 135 17.88 -16.95 -8.61
N ILE D 136 18.47 -16.52 -9.72
CA ILE D 136 19.23 -17.41 -10.59
C ILE D 136 20.72 -17.20 -10.34
N ASP D 137 21.40 -18.26 -9.89
CA ASP D 137 22.82 -18.19 -9.63
C ASP D 137 23.60 -19.01 -10.65
N THR D 138 23.68 -20.32 -10.43
CA THR D 138 24.34 -21.21 -11.37
C THR D 138 23.38 -21.62 -12.47
N GLY D 139 22.12 -21.80 -12.10
CA GLY D 139 21.10 -22.23 -13.04
C GLY D 139 20.69 -23.67 -12.80
N LYS D 140 21.35 -24.31 -11.85
CA LYS D 140 21.11 -25.72 -11.54
C LYS D 140 19.69 -25.96 -11.04
N THR D 141 19.19 -25.05 -10.21
CA THR D 141 17.84 -25.13 -9.68
C THR D 141 16.81 -24.98 -10.79
N MET D 142 17.00 -23.96 -11.63
CA MET D 142 16.07 -23.67 -12.70
C MET D 142 16.12 -24.72 -13.81
N GLN D 143 17.31 -25.26 -14.05
CA GLN D 143 17.49 -26.32 -15.04
C GLN D 143 16.65 -27.54 -14.68
N THR D 144 16.78 -27.98 -13.43
CA THR D 144 16.06 -29.14 -12.93
C THR D 144 14.55 -28.91 -13.02
N LEU D 145 14.11 -27.74 -12.59
CA LEU D 145 12.68 -27.42 -12.60
C LEU D 145 12.11 -27.40 -14.02
N LEU D 146 12.85 -26.81 -14.94
CA LEU D 146 12.44 -26.75 -16.34
C LEU D 146 12.26 -28.15 -16.93
N SER D 147 13.24 -29.01 -16.70
CA SER D 147 13.17 -30.39 -17.19
C SER D 147 12.10 -31.17 -16.45
N LEU D 148 11.77 -30.72 -15.24
CA LEU D 148 10.75 -31.38 -14.43
C LEU D 148 9.36 -30.90 -14.81
N VAL D 149 9.30 -29.76 -15.50
CA VAL D 149 8.03 -29.19 -15.97
C VAL D 149 7.77 -29.61 -17.42
N ARG D 150 8.83 -29.71 -18.20
CA ARG D 150 8.73 -30.15 -19.60
C ARG D 150 8.10 -31.53 -19.73
N GLN D 151 8.29 -32.37 -18.71
CA GLN D 151 7.73 -33.71 -18.70
C GLN D 151 6.21 -33.71 -18.81
N TYR D 152 5.57 -32.71 -18.19
CA TYR D 152 4.11 -32.63 -18.21
C TYR D 152 3.57 -32.04 -19.51
N ASN D 153 4.48 -31.56 -20.37
CA ASN D 153 4.12 -31.04 -21.69
C ASN D 153 3.01 -29.99 -21.70
N PRO D 154 3.37 -28.73 -21.40
CA PRO D 154 2.41 -27.62 -21.45
C PRO D 154 2.50 -26.89 -22.78
N LYS D 155 1.78 -25.79 -22.92
CA LYS D 155 1.80 -24.99 -24.15
C LYS D 155 3.04 -24.10 -24.18
N MET D 156 3.12 -23.20 -23.20
CA MET D 156 4.26 -22.29 -23.08
C MET D 156 4.79 -22.30 -21.65
N VAL D 157 6.11 -22.19 -21.51
CA VAL D 157 6.72 -22.01 -20.20
C VAL D 157 7.68 -20.82 -20.20
N LYS D 158 7.41 -19.85 -19.33
CA LYS D 158 8.30 -18.73 -19.14
C LYS D 158 8.76 -18.67 -17.69
N VAL D 159 9.94 -18.11 -17.47
CA VAL D 159 10.49 -18.01 -16.12
C VAL D 159 10.68 -16.57 -15.68
N ALA D 160 10.10 -16.22 -14.54
CA ALA D 160 10.32 -14.91 -13.96
C ALA D 160 11.20 -15.04 -12.73
N SER D 161 12.35 -14.37 -12.75
CA SER D 161 13.25 -14.38 -11.62
C SER D 161 13.51 -12.95 -11.14
N LEU D 162 13.45 -12.75 -9.84
CA LEU D 162 13.70 -11.43 -9.26
C LEU D 162 15.16 -11.03 -9.42
N LEU D 163 16.06 -11.98 -9.19
CA LEU D 163 17.49 -11.71 -9.23
C LEU D 163 18.23 -12.67 -10.16
N VAL D 164 19.14 -12.12 -10.95
CA VAL D 164 20.09 -12.94 -11.71
C VAL D 164 21.51 -12.52 -11.31
N LYS D 165 22.22 -13.43 -10.67
CA LYS D 165 23.55 -13.14 -10.17
C LYS D 165 24.63 -13.38 -11.23
N ARG D 166 25.49 -12.37 -11.43
CA ARG D 166 26.65 -12.53 -12.29
C ARG D 166 27.70 -13.37 -11.58
N THR D 167 28.02 -14.52 -12.15
CA THR D 167 28.92 -15.46 -11.48
C THR D 167 29.68 -16.34 -12.49
N PRO D 168 30.93 -16.70 -12.16
CA PRO D 168 31.74 -17.60 -12.99
C PRO D 168 31.31 -19.06 -12.82
N ARG D 169 30.40 -19.32 -11.90
CA ARG D 169 29.91 -20.67 -11.64
C ARG D 169 28.60 -20.91 -12.40
N SER D 170 28.31 -20.04 -13.35
CA SER D 170 27.04 -20.06 -14.06
C SER D 170 27.04 -20.96 -15.30
N VAL D 171 25.94 -21.68 -15.49
CA VAL D 171 25.74 -22.49 -16.69
C VAL D 171 25.52 -21.56 -17.87
N GLY D 172 24.86 -20.43 -17.61
CA GLY D 172 24.60 -19.45 -18.63
C GLY D 172 23.12 -19.36 -18.97
N TYR D 173 22.27 -19.69 -18.01
CA TYR D 173 20.82 -19.60 -18.22
C TYR D 173 20.33 -18.17 -18.02
N LYS D 174 19.48 -17.71 -18.93
CA LYS D 174 18.89 -16.39 -18.85
C LYS D 174 17.36 -16.51 -18.96
N PRO D 175 16.66 -16.31 -17.84
CA PRO D 175 15.19 -16.42 -17.81
C PRO D 175 14.51 -15.37 -18.67
N ASP D 176 13.18 -15.45 -18.77
CA ASP D 176 12.42 -14.56 -19.64
C ASP D 176 12.14 -13.21 -19.01
N PHE D 177 12.08 -13.18 -17.68
CA PHE D 177 11.81 -11.94 -16.95
C PHE D 177 12.77 -11.79 -15.78
N VAL D 178 13.48 -10.66 -15.75
CA VAL D 178 14.48 -10.41 -14.72
C VAL D 178 14.27 -9.07 -14.04
N GLY D 179 14.17 -9.08 -12.72
CA GLY D 179 14.04 -7.86 -11.95
C GLY D 179 15.36 -7.12 -11.85
N PHE D 180 16.35 -7.78 -11.26
CA PHE D 180 17.66 -7.16 -11.04
C PHE D 180 18.81 -8.10 -11.36
N GLU D 181 19.86 -7.55 -11.96
CA GLU D 181 21.09 -8.30 -12.18
C GLU D 181 22.13 -7.84 -11.17
N ILE D 182 22.55 -8.76 -10.29
CA ILE D 182 23.41 -8.39 -9.18
C ILE D 182 24.80 -9.05 -9.24
N PRO D 183 25.81 -8.38 -8.67
CA PRO D 183 27.17 -8.93 -8.60
C PRO D 183 27.22 -10.20 -7.75
N ASP D 184 28.35 -10.89 -7.78
CA ASP D 184 28.49 -12.14 -7.04
C ASP D 184 28.67 -11.89 -5.54
N LYS D 185 27.63 -11.33 -4.92
CA LYS D 185 27.58 -11.20 -3.46
C LYS D 185 26.40 -12.01 -2.95
N PHE D 186 26.44 -12.39 -1.68
CA PHE D 186 25.36 -13.16 -1.09
C PHE D 186 24.34 -12.24 -0.40
N VAL D 187 23.21 -12.04 -1.06
CA VAL D 187 22.17 -11.15 -0.54
C VAL D 187 21.07 -11.91 0.19
N VAL D 188 20.43 -11.22 1.14
CA VAL D 188 19.31 -11.78 1.89
C VAL D 188 18.17 -10.79 1.92
N GLY D 189 17.03 -11.20 2.48
CA GLY D 189 15.88 -10.33 2.58
C GLY D 189 14.87 -10.59 1.48
N TYR D 190 13.64 -10.09 1.68
CA TYR D 190 12.56 -10.29 0.71
C TYR D 190 12.40 -11.78 0.41
N ALA D 191 12.28 -12.56 1.49
CA ALA D 191 12.12 -14.02 1.45
C ALA D 191 13.38 -14.80 1.05
N LEU D 192 14.45 -14.09 0.68
CA LEU D 192 15.73 -14.76 0.45
C LEU D 192 16.45 -14.90 1.80
N ASP D 193 17.01 -16.07 2.05
CA ASP D 193 17.47 -16.41 3.39
C ASP D 193 18.96 -16.69 3.54
N TYR D 194 19.38 -16.81 4.79
CA TYR D 194 20.70 -17.33 5.15
C TYR D 194 20.50 -18.31 6.30
N ASN D 195 20.46 -19.59 5.97
CA ASN D 195 20.08 -20.64 6.93
C ASN D 195 18.72 -20.35 7.54
N GLU D 196 17.76 -20.02 6.67
CA GLU D 196 16.36 -19.77 7.04
C GLU D 196 16.13 -18.46 7.79
N TYR D 197 17.17 -17.65 7.96
CA TYR D 197 17.03 -16.34 8.58
C TYR D 197 16.96 -15.24 7.52
N PHE D 198 16.58 -14.04 7.94
CA PHE D 198 16.45 -12.87 7.06
C PHE D 198 15.31 -12.95 6.04
N ARG D 199 14.41 -13.92 6.21
CA ARG D 199 13.23 -13.97 5.35
C ARG D 199 12.21 -12.91 5.81
N ASP D 200 12.20 -12.65 7.11
CA ASP D 200 11.33 -11.63 7.68
C ASP D 200 11.97 -10.25 7.55
N LEU D 201 12.26 -9.86 6.30
CA LEU D 201 12.94 -8.61 6.02
C LEU D 201 12.46 -8.00 4.70
N ASN D 202 12.09 -6.72 4.73
CA ASN D 202 11.56 -6.04 3.55
C ASN D 202 12.56 -5.86 2.43
N HIS D 203 13.71 -5.26 2.74
CA HIS D 203 14.70 -4.95 1.72
C HIS D 203 15.63 -6.13 1.44
N VAL D 204 16.19 -6.14 0.23
CA VAL D 204 17.28 -7.06 -0.08
C VAL D 204 18.57 -6.41 0.40
N CYS D 205 19.29 -7.12 1.27
CA CYS D 205 20.47 -6.55 1.92
C CYS D 205 21.66 -7.49 1.90
N VAL D 206 22.82 -6.95 2.25
CA VAL D 206 24.05 -7.73 2.33
C VAL D 206 24.37 -8.03 3.79
N ILE D 207 24.69 -9.29 4.08
CA ILE D 207 24.96 -9.71 5.45
C ILE D 207 26.24 -9.10 6.01
N SER D 208 26.23 -8.79 7.30
CA SER D 208 27.44 -8.34 7.98
C SER D 208 28.21 -9.57 8.44
N GLU D 209 29.51 -9.41 8.68
CA GLU D 209 30.34 -10.53 9.08
C GLU D 209 29.93 -11.11 10.42
N THR D 210 29.39 -10.27 11.30
CA THR D 210 28.86 -10.74 12.57
C THR D 210 27.64 -11.61 12.32
N GLY D 211 26.85 -11.24 11.33
CA GLY D 211 25.65 -11.97 10.97
C GLY D 211 25.93 -13.34 10.40
N LYS D 212 27.01 -13.46 9.62
CA LYS D 212 27.41 -14.73 9.05
C LYS D 212 27.79 -15.72 10.15
N ALA D 213 28.37 -15.20 11.22
CA ALA D 213 28.84 -16.03 12.32
C ALA D 213 27.70 -16.48 13.23
N LYS D 214 26.79 -15.57 13.54
CA LYS D 214 25.69 -15.86 14.46
C LYS D 214 24.71 -16.90 13.90
N TYR D 215 24.38 -16.79 12.62
CA TYR D 215 23.36 -17.63 12.02
C TYR D 215 23.92 -18.76 11.15
N LYS D 216 25.17 -19.13 11.40
CA LYS D 216 25.79 -20.22 10.68
C LYS D 216 25.20 -21.56 11.12
N ALA D 217 25.16 -22.52 10.21
CA ALA D 217 24.64 -23.85 10.53
C ALA D 217 25.74 -24.90 10.46
#